data_6J0Y
#
_entry.id   6J0Y
#
_cell.length_a   63.450
_cell.length_b   77.950
_cell.length_c   78.380
_cell.angle_alpha   89.950
_cell.angle_beta   79.150
_cell.angle_gamma   83.970
#
_symmetry.space_group_name_H-M   'P 1'
#
loop_
_entity.id
_entity.type
_entity.pdbx_description
1 polymer 'Regulator of Ty1 transposition protein 107'
2 polymer 'Peptide from Structure-specific endonuclease subunit SLX4'
3 water water
#
loop_
_entity_poly.entity_id
_entity_poly.type
_entity_poly.pdbx_seq_one_letter_code
_entity_poly.pdbx_strand_id
1 'polypeptide(L)'
;SSTSLLFEQLNFLILVAAEAELPIAHSTRKLLMDNSCNNCQIYELYNENLKDVKTDKDWFMNKFGPQTVHFVISNTINFP
FYKIVYFDLLIPVVSHTWVQDSVKTKRHLRTNMYSPNPFHLLRDCQVYISKSSFNKCEYILYSDLLHLLGGTLVNYISNR
TTHVIVQSPQDPIIATVSKLTFGSFSSSSTNKHTEKPLREWKFVYPIWILYHFKMAKPLKGELATLCELDMQDTSEEQLF
AKWEEVIGDKQTSSSQLTLHPNKTLFKNHHFAISPDLNFFTPLYWFLKGFIEDLDGKVTPLSFSDDLKSVYQAFPDIDCY
IGHSANSPILEKTKSIKPEIHVGNVSWLFYMFALQKFTPVSQCKLIHQPFHAKLFTSKELTVAYTNYFGSQRFYIQRLVE
ILGGLSTPELTRKNTHLITKSTIGKKFKVAKKWSLDPQNAIIVTNHMWLEQCYMNNSKLNPKDSRFQNFKLDDNMGWNIG
QIGMDHSSLPTPKNLSMVTYDTQSISEKPPPTN
;
A,B
2 'polypeptide(L)' GPLGSGSSIRVKLLQESVVKLNPKLVKHNFYRVEANDSEEEETEFDDQFCIADIQLVD C,D
#
# COMPACT_ATOMS: atom_id res chain seq x y z
N SER A 1 -24.00 -3.98 -41.79
CA SER A 1 -22.88 -4.16 -40.88
C SER A 1 -23.23 -3.71 -39.46
N SER A 2 -22.61 -4.34 -38.47
CA SER A 2 -22.88 -4.02 -37.08
C SER A 2 -22.03 -2.84 -36.62
N THR A 3 -22.49 -2.19 -35.56
CA THR A 3 -21.80 -1.05 -34.97
C THR A 3 -21.54 -1.30 -33.49
N SER A 4 -20.56 -0.58 -32.96
CA SER A 4 -20.17 -0.68 -31.56
C SER A 4 -19.30 0.52 -31.22
N LEU A 5 -18.96 0.64 -29.92
CA LEU A 5 -18.04 1.66 -29.44
C LEU A 5 -16.61 1.12 -29.30
N LEU A 6 -16.29 0.01 -29.96
CA LEU A 6 -15.04 -0.70 -29.69
C LEU A 6 -13.83 0.21 -29.83
N PHE A 7 -13.79 1.05 -30.86
CA PHE A 7 -12.60 1.86 -31.13
C PHE A 7 -12.80 3.32 -30.73
N GLU A 8 -13.71 3.58 -29.78
CA GLU A 8 -14.00 4.94 -29.34
C GLU A 8 -12.73 5.69 -28.95
N GLN A 9 -12.62 6.93 -29.45
CA GLN A 9 -11.54 7.86 -29.14
CA GLN A 9 -11.55 7.88 -29.17
C GLN A 9 -10.17 7.39 -29.63
N LEU A 10 -10.11 6.53 -30.64
CA LEU A 10 -8.83 6.05 -31.15
C LEU A 10 -8.64 6.54 -32.59
N ASN A 11 -7.41 6.88 -32.94
CA ASN A 11 -7.06 7.36 -34.27
C ASN A 11 -6.23 6.30 -34.98
N PHE A 12 -6.54 6.07 -36.26
CA PHE A 12 -5.88 5.06 -37.07
C PHE A 12 -5.26 5.68 -38.31
N LEU A 13 -4.14 5.09 -38.73
CA LEU A 13 -3.51 5.44 -40.00
C LEU A 13 -3.32 4.15 -40.78
N ILE A 14 -3.92 4.07 -41.97
CA ILE A 14 -3.78 2.92 -42.85
C ILE A 14 -2.77 3.28 -43.94
N LEU A 15 -1.73 2.47 -44.06
CA LEU A 15 -0.71 2.64 -45.09
C LEU A 15 -1.01 1.65 -46.20
N VAL A 16 -1.18 2.17 -47.42
CA VAL A 16 -1.48 1.35 -48.59
C VAL A 16 -0.20 1.20 -49.39
N ALA A 17 0.27 -0.05 -49.53
CA ALA A 17 1.58 -0.29 -50.13
C ALA A 17 1.51 -0.39 -51.64
N ALA A 18 0.35 -0.78 -52.17
CA ALA A 18 0.19 -0.95 -53.61
C ALA A 18 -1.25 -0.64 -53.98
N GLU A 19 -1.44 -0.26 -55.24
CA GLU A 19 -2.79 0.11 -55.67
C GLU A 19 -3.77 -1.01 -55.42
N ALA A 20 -3.35 -2.27 -55.63
CA ALA A 20 -4.23 -3.41 -55.48
C ALA A 20 -4.74 -3.55 -54.05
N GLU A 21 -4.04 -2.95 -53.08
CA GLU A 21 -4.41 -2.98 -51.67
C GLU A 21 -5.50 -1.99 -51.31
N LEU A 22 -5.94 -1.13 -52.24
CA LEU A 22 -6.94 -0.14 -51.86
C LEU A 22 -8.25 -0.75 -51.39
N PRO A 23 -8.81 -1.80 -52.02
CA PRO A 23 -10.05 -2.36 -51.47
C PRO A 23 -9.91 -2.88 -50.05
N ILE A 24 -8.74 -3.42 -49.68
CA ILE A 24 -8.55 -3.84 -48.29
C ILE A 24 -8.53 -2.64 -47.36
N ALA A 25 -7.86 -1.56 -47.77
CA ALA A 25 -7.85 -0.35 -46.97
C ALA A 25 -9.25 0.22 -46.80
N HIS A 26 -10.06 0.18 -47.86
CA HIS A 26 -11.43 0.67 -47.74
C HIS A 26 -12.24 -0.17 -46.78
N SER A 27 -12.15 -1.51 -46.87
CA SER A 27 -12.93 -2.35 -45.99
CA SER A 27 -12.91 -2.37 -45.98
C SER A 27 -12.51 -2.19 -44.53
N THR A 28 -11.21 -1.96 -44.30
CA THR A 28 -10.74 -1.76 -42.92
C THR A 28 -11.23 -0.42 -42.36
N ARG A 29 -11.17 0.64 -43.17
CA ARG A 29 -11.71 1.93 -42.74
C ARG A 29 -13.19 1.82 -42.40
N LYS A 30 -13.97 1.10 -43.22
CA LYS A 30 -15.38 0.89 -42.88
C LYS A 30 -15.52 0.17 -41.53
N LEU A 31 -14.73 -0.88 -41.31
CA LEU A 31 -14.74 -1.57 -40.01
C LEU A 31 -14.45 -0.61 -38.88
N LEU A 32 -13.42 0.21 -39.03
CA LEU A 32 -13.05 1.14 -37.98
C LEU A 32 -14.14 2.16 -37.73
N MET A 33 -14.68 2.75 -38.80
CA MET A 33 -15.72 3.78 -38.66
CA MET A 33 -15.71 3.77 -38.65
C MET A 33 -17.00 3.21 -38.07
N ASP A 34 -17.43 2.04 -38.55
CA ASP A 34 -18.65 1.45 -38.02
C ASP A 34 -18.51 1.11 -36.55
N ASN A 35 -17.29 0.96 -36.04
CA ASN A 35 -17.08 0.71 -34.63
C ASN A 35 -16.44 1.90 -33.92
N SER A 36 -16.79 3.11 -34.39
CA SER A 36 -16.66 4.35 -33.64
C SER A 36 -15.22 4.84 -33.48
N CYS A 37 -14.33 4.57 -34.44
CA CYS A 37 -13.01 5.18 -34.35
C CYS A 37 -13.16 6.70 -34.40
N ASN A 38 -12.25 7.40 -33.74
CA ASN A 38 -12.31 8.86 -33.79
C ASN A 38 -11.94 9.38 -35.17
N ASN A 39 -10.85 8.87 -35.73
CA ASN A 39 -10.39 9.34 -37.03
C ASN A 39 -9.63 8.21 -37.72
N CYS A 40 -9.78 8.15 -39.04
CA CYS A 40 -9.08 7.14 -39.83
C CYS A 40 -8.53 7.81 -41.07
N GLN A 41 -7.20 7.82 -41.17
CA GLN A 41 -6.50 8.33 -42.34
C GLN A 41 -6.03 7.16 -43.21
N ILE A 42 -6.08 7.35 -44.52
CA ILE A 42 -5.53 6.40 -45.48
C ILE A 42 -4.41 7.12 -46.23
N TYR A 43 -3.25 6.50 -46.29
CA TYR A 43 -2.08 7.10 -46.92
C TYR A 43 -1.51 6.13 -47.94
N GLU A 44 -1.48 6.54 -49.21
CA GLU A 44 -0.98 5.70 -50.30
C GLU A 44 0.53 5.92 -50.42
N LEU A 45 1.30 4.91 -49.96
CA LEU A 45 2.76 4.98 -50.08
C LEU A 45 3.17 5.20 -51.52
N TYR A 46 2.52 4.49 -52.44
CA TYR A 46 2.92 4.45 -53.84
C TYR A 46 2.65 5.75 -54.59
N ASN A 47 1.97 6.71 -53.97
CA ASN A 47 1.56 7.93 -54.64
C ASN A 47 2.35 9.16 -54.18
N GLU A 48 3.43 8.98 -53.42
CA GLU A 48 4.34 10.07 -53.13
C GLU A 48 5.77 9.59 -53.33
N ASN A 49 6.63 10.51 -53.76
CA ASN A 49 8.05 10.21 -54.01
C ASN A 49 8.83 10.50 -52.73
N LEU A 50 8.73 9.56 -51.79
CA LEU A 50 9.27 9.74 -50.44
C LEU A 50 10.77 9.55 -50.36
N LYS A 51 11.42 9.00 -51.40
CA LYS A 51 12.84 8.69 -51.31
C LYS A 51 13.73 9.92 -51.45
N ASP A 52 13.17 11.12 -51.49
CA ASP A 52 13.95 12.35 -51.47
C ASP A 52 13.56 13.28 -50.33
N VAL A 53 12.74 12.82 -49.39
CA VAL A 53 12.30 13.63 -48.26
C VAL A 53 12.61 12.87 -46.97
N LYS A 54 13.20 13.57 -46.01
CA LYS A 54 13.44 12.99 -44.69
C LYS A 54 12.08 12.75 -44.02
N THR A 55 11.68 11.50 -43.95
CA THR A 55 10.48 11.13 -43.20
C THR A 55 10.86 10.83 -41.75
N ASP A 56 11.16 11.90 -41.01
CA ASP A 56 11.55 11.80 -39.63
C ASP A 56 10.35 12.10 -38.73
N LYS A 57 10.60 12.21 -37.42
CA LYS A 57 9.51 12.41 -36.47
C LYS A 57 8.75 13.71 -36.74
N ASP A 58 9.48 14.79 -37.03
CA ASP A 58 8.80 16.05 -37.33
C ASP A 58 7.90 15.93 -38.55
N TRP A 59 8.42 15.27 -39.60
CA TRP A 59 7.62 15.02 -40.80
C TRP A 59 6.35 14.25 -40.48
N PHE A 60 6.48 13.17 -39.71
CA PHE A 60 5.34 12.33 -39.39
C PHE A 60 4.33 13.06 -38.52
N MET A 61 4.81 13.79 -37.49
CA MET A 61 3.89 14.52 -36.62
C MET A 61 3.16 15.62 -37.40
N ASN A 62 3.86 16.32 -38.29
CA ASN A 62 3.22 17.38 -39.07
C ASN A 62 2.21 16.80 -40.05
N LYS A 63 2.54 15.67 -40.68
CA LYS A 63 1.67 15.16 -41.73
C LYS A 63 0.43 14.48 -41.16
N PHE A 64 0.57 13.76 -40.04
CA PHE A 64 -0.51 12.93 -39.55
C PHE A 64 -1.06 13.37 -38.20
N GLY A 65 -0.44 14.35 -37.54
CA GLY A 65 -0.97 14.91 -36.32
C GLY A 65 -1.95 16.04 -36.63
N PRO A 66 -2.16 16.96 -35.67
CA PRO A 66 -1.49 17.11 -34.38
C PRO A 66 -1.90 16.09 -33.33
N GLN A 67 -3.06 15.46 -33.48
CA GLN A 67 -3.46 14.43 -32.54
C GLN A 67 -2.54 13.20 -32.69
N THR A 68 -2.55 12.35 -31.68
CA THR A 68 -1.72 11.15 -31.81
C THR A 68 -2.37 10.17 -32.78
N VAL A 69 -1.58 9.20 -33.22
CA VAL A 69 -2.04 8.06 -34.00
C VAL A 69 -1.92 6.86 -33.07
N HIS A 70 -3.03 6.18 -32.82
CA HIS A 70 -2.95 5.07 -31.86
C HIS A 70 -2.43 3.80 -32.50
N PHE A 71 -2.76 3.56 -33.77
CA PHE A 71 -2.34 2.34 -34.48
C PHE A 71 -2.03 2.69 -35.92
N VAL A 72 -0.99 2.08 -36.46
CA VAL A 72 -0.72 2.08 -37.89
C VAL A 72 -1.09 0.71 -38.42
N ILE A 73 -1.94 0.68 -39.44
CA ILE A 73 -2.38 -0.56 -40.07
C ILE A 73 -1.56 -0.73 -41.34
N SER A 74 -0.73 -1.78 -41.38
CA SER A 74 0.12 -2.04 -42.54
C SER A 74 0.45 -3.51 -42.56
N ASN A 75 0.41 -4.11 -43.77
CA ASN A 75 0.81 -5.51 -43.89
C ASN A 75 2.31 -5.68 -44.06
N THR A 76 3.07 -4.59 -44.04
CA THR A 76 4.52 -4.62 -44.20
C THR A 76 5.16 -3.59 -43.28
N ILE A 77 6.42 -3.84 -42.90
CA ILE A 77 7.20 -2.80 -42.24
C ILE A 77 8.02 -2.00 -43.23
N ASN A 78 7.92 -2.30 -44.54
CA ASN A 78 8.79 -1.67 -45.52
C ASN A 78 8.20 -0.32 -45.95
N PHE A 79 8.27 0.62 -45.01
CA PHE A 79 8.00 2.02 -45.28
C PHE A 79 9.00 2.86 -44.50
N PRO A 80 9.42 4.01 -45.04
CA PRO A 80 10.63 4.68 -44.52
C PRO A 80 10.46 5.36 -43.17
N PHE A 81 9.26 5.39 -42.58
CA PHE A 81 9.11 5.94 -41.24
C PHE A 81 8.72 4.87 -40.22
N TYR A 82 8.97 3.59 -40.53
CA TYR A 82 8.64 2.51 -39.59
C TYR A 82 9.39 2.66 -38.27
N LYS A 83 10.69 2.95 -38.35
CA LYS A 83 11.47 2.98 -37.11
C LYS A 83 11.04 4.13 -36.21
N ILE A 84 10.73 5.29 -36.78
CA ILE A 84 10.33 6.38 -35.88
C ILE A 84 8.93 6.13 -35.32
N VAL A 85 8.05 5.54 -36.11
CA VAL A 85 6.72 5.19 -35.60
C VAL A 85 6.83 4.16 -34.48
N TYR A 86 7.56 3.07 -34.73
CA TYR A 86 7.51 1.91 -33.84
C TYR A 86 8.49 2.04 -32.68
N PHE A 87 9.75 2.41 -32.93
CA PHE A 87 10.76 2.44 -31.88
C PHE A 87 10.83 3.75 -31.13
N ASP A 88 10.45 4.86 -31.77
CA ASP A 88 10.51 6.15 -31.12
C ASP A 88 9.14 6.52 -30.52
N LEU A 89 8.14 6.74 -31.37
CA LEU A 89 6.83 7.13 -30.87
C LEU A 89 6.09 6.01 -30.14
N LEU A 90 6.54 4.76 -30.29
CA LEU A 90 5.95 3.58 -29.63
C LEU A 90 4.51 3.34 -30.08
N ILE A 91 4.25 3.57 -31.37
CA ILE A 91 2.94 3.31 -31.97
C ILE A 91 2.95 1.90 -32.55
N PRO A 92 1.98 1.04 -32.22
CA PRO A 92 1.96 -0.31 -32.79
C PRO A 92 1.72 -0.27 -34.30
N VAL A 93 2.35 -1.22 -34.99
CA VAL A 93 2.14 -1.44 -36.42
C VAL A 93 1.58 -2.84 -36.56
N VAL A 94 0.36 -2.94 -37.07
CA VAL A 94 -0.35 -4.22 -37.11
C VAL A 94 -0.98 -4.40 -38.48
N SER A 95 -1.11 -5.66 -38.89
CA SER A 95 -1.76 -6.02 -40.15
C SER A 95 -3.25 -5.71 -40.08
N HIS A 96 -3.90 -5.72 -41.25
CA HIS A 96 -5.33 -5.48 -41.31
C HIS A 96 -6.11 -6.50 -40.51
N THR A 97 -5.58 -7.72 -40.38
CA THR A 97 -6.32 -8.75 -39.65
CA THR A 97 -6.26 -8.79 -39.64
C THR A 97 -6.47 -8.42 -38.17
N TRP A 98 -5.63 -7.54 -37.61
CA TRP A 98 -5.85 -7.12 -36.22
C TRP A 98 -7.19 -6.41 -36.08
N VAL A 99 -7.54 -5.56 -37.05
CA VAL A 99 -8.83 -4.89 -37.00
C VAL A 99 -9.96 -5.90 -37.18
N GLN A 100 -9.83 -6.77 -38.18
CA GLN A 100 -10.87 -7.75 -38.47
C GLN A 100 -11.12 -8.66 -37.28
N ASP A 101 -10.06 -9.18 -36.66
CA ASP A 101 -10.21 -10.09 -35.53
C ASP A 101 -10.69 -9.36 -34.27
N SER A 102 -10.24 -8.12 -34.07
CA SER A 102 -10.69 -7.38 -32.91
C SER A 102 -12.19 -7.09 -32.98
N VAL A 103 -12.69 -6.77 -34.18
CA VAL A 103 -14.13 -6.58 -34.30
C VAL A 103 -14.85 -7.91 -34.09
N LYS A 104 -14.35 -8.99 -34.69
CA LYS A 104 -14.99 -10.29 -34.58
C LYS A 104 -15.14 -10.71 -33.12
N THR A 105 -14.07 -10.53 -32.35
CA THR A 105 -14.04 -10.95 -30.95
C THR A 105 -14.49 -9.86 -29.99
N LYS A 106 -14.83 -8.67 -30.48
CA LYS A 106 -15.31 -7.56 -29.64
C LYS A 106 -14.32 -7.19 -28.54
N ARG A 107 -13.04 -7.11 -28.88
CA ARG A 107 -12.08 -6.68 -27.88
C ARG A 107 -10.82 -6.21 -28.58
N HIS A 108 -9.99 -5.45 -27.85
CA HIS A 108 -8.69 -5.02 -28.38
C HIS A 108 -7.72 -6.17 -28.18
N LEU A 109 -7.48 -6.93 -29.24
CA LEU A 109 -6.53 -8.02 -29.17
C LEU A 109 -5.12 -7.47 -28.99
N ARG A 110 -4.27 -8.27 -28.33
CA ARG A 110 -2.87 -7.92 -28.20
C ARG A 110 -2.26 -7.68 -29.59
N THR A 111 -1.51 -6.58 -29.72
CA THR A 111 -0.97 -6.21 -31.03
C THR A 111 0.19 -7.09 -31.47
N ASN A 112 0.92 -7.72 -30.52
CA ASN A 112 2.18 -8.38 -30.85
C ASN A 112 2.04 -9.41 -31.95
N MET A 113 1.00 -10.26 -31.87
CA MET A 113 0.86 -11.34 -32.83
C MET A 113 0.58 -10.84 -34.23
N TYR A 114 0.19 -9.58 -34.38
CA TYR A 114 -0.18 -9.01 -35.68
C TYR A 114 0.91 -8.12 -36.26
N SER A 115 2.08 -8.07 -35.63
CA SER A 115 3.19 -7.29 -36.17
C SER A 115 3.68 -7.91 -37.48
N PRO A 116 3.85 -7.14 -38.53
CA PRO A 116 4.42 -7.68 -39.77
C PRO A 116 5.95 -7.68 -39.80
N ASN A 117 6.59 -7.37 -38.68
CA ASN A 117 8.05 -7.34 -38.61
C ASN A 117 8.60 -8.76 -38.54
N PRO A 118 9.38 -9.20 -39.53
CA PRO A 118 9.88 -10.59 -39.49
C PRO A 118 10.86 -10.85 -38.37
N PHE A 119 11.45 -9.83 -37.76
CA PHE A 119 12.31 -10.02 -36.61
C PHE A 119 11.54 -10.27 -35.32
N HIS A 120 10.21 -10.12 -35.33
CA HIS A 120 9.42 -10.32 -34.11
C HIS A 120 9.10 -11.81 -33.99
N LEU A 121 10.17 -12.59 -33.81
CA LEU A 121 10.10 -14.05 -33.76
C LEU A 121 9.39 -14.56 -32.52
N LEU A 122 9.33 -13.77 -31.45
CA LEU A 122 8.69 -14.20 -30.21
C LEU A 122 7.30 -13.58 -30.02
N ARG A 123 6.68 -13.14 -31.13
CA ARG A 123 5.41 -12.40 -31.08
C ARG A 123 4.30 -13.17 -30.37
N ASP A 124 4.32 -14.49 -30.42
CA ASP A 124 3.27 -15.27 -29.80
C ASP A 124 3.59 -15.68 -28.36
N CYS A 125 4.63 -15.13 -27.76
CA CYS A 125 5.10 -15.57 -26.44
C CYS A 125 4.75 -14.58 -25.34
N GLN A 126 4.41 -15.12 -24.18
CA GLN A 126 4.10 -14.36 -22.97
CA GLN A 126 4.09 -14.38 -22.96
C GLN A 126 5.04 -14.91 -21.91
N VAL A 127 6.07 -14.13 -21.60
CA VAL A 127 7.29 -14.63 -20.97
C VAL A 127 7.46 -14.01 -19.60
N TYR A 128 7.66 -14.87 -18.61
CA TYR A 128 7.93 -14.50 -17.23
C TYR A 128 9.42 -14.71 -16.97
N ILE A 129 10.13 -13.66 -16.56
CA ILE A 129 11.56 -13.76 -16.26
C ILE A 129 11.72 -13.82 -14.73
N SER A 130 12.36 -14.89 -14.24
CA SER A 130 12.42 -15.13 -12.79
C SER A 130 13.40 -14.18 -12.10
N LYS A 131 12.89 -13.42 -11.13
CA LYS A 131 13.74 -12.53 -10.38
C LYS A 131 14.55 -13.24 -9.31
N SER A 132 14.28 -14.52 -9.06
CA SER A 132 15.15 -15.29 -8.19
C SER A 132 16.25 -16.01 -8.96
N SER A 133 16.29 -15.86 -10.29
CA SER A 133 17.43 -16.33 -11.09
C SER A 133 18.42 -15.22 -11.43
N PHE A 134 17.97 -13.99 -11.59
CA PHE A 134 18.77 -12.97 -12.25
C PHE A 134 18.88 -11.71 -11.40
N ASN A 135 20.05 -11.07 -11.46
CA ASN A 135 20.18 -9.75 -10.85
C ASN A 135 19.53 -8.69 -11.74
N LYS A 136 19.54 -7.44 -11.26
CA LYS A 136 18.75 -6.41 -11.94
C LYS A 136 19.29 -6.12 -13.35
N CYS A 137 20.61 -6.12 -13.54
CA CYS A 137 21.11 -5.79 -14.88
CA CYS A 137 21.16 -5.81 -14.87
C CYS A 137 20.85 -6.94 -15.86
N GLU A 138 20.90 -8.19 -15.40
CA GLU A 138 20.54 -9.31 -16.27
C GLU A 138 19.06 -9.26 -16.64
N TYR A 139 18.21 -9.01 -15.65
CA TYR A 139 16.76 -8.94 -15.90
C TYR A 139 16.42 -7.89 -16.94
N ILE A 140 17.05 -6.73 -16.84
CA ILE A 140 16.78 -5.65 -17.78
C ILE A 140 17.26 -6.01 -19.18
N LEU A 141 18.44 -6.62 -19.29
CA LEU A 141 18.92 -7.02 -20.62
C LEU A 141 18.00 -8.05 -21.25
N TYR A 142 17.62 -9.09 -20.51
CA TYR A 142 16.77 -10.12 -21.11
C TYR A 142 15.40 -9.56 -21.47
N SER A 143 14.87 -8.65 -20.63
CA SER A 143 13.62 -7.95 -20.94
C SER A 143 13.73 -7.15 -22.24
N ASP A 144 14.84 -6.42 -22.40
CA ASP A 144 15.06 -5.61 -23.61
C ASP A 144 15.03 -6.46 -24.86
N LEU A 145 15.73 -7.60 -24.83
CA LEU A 145 15.82 -8.42 -26.04
C LEU A 145 14.52 -9.16 -26.32
N LEU A 146 13.86 -9.66 -25.28
CA LEU A 146 12.52 -10.24 -25.45
C LEU A 146 11.61 -9.24 -26.13
N HIS A 147 11.64 -7.99 -25.67
CA HIS A 147 10.79 -6.95 -26.27
C HIS A 147 11.16 -6.67 -27.71
N LEU A 148 12.46 -6.60 -28.02
CA LEU A 148 12.88 -6.37 -29.41
C LEU A 148 12.48 -7.50 -30.33
N LEU A 149 12.32 -8.72 -29.79
CA LEU A 149 11.87 -9.87 -30.55
C LEU A 149 10.34 -9.97 -30.60
N GLY A 150 9.64 -8.96 -30.10
CA GLY A 150 8.20 -8.89 -30.26
C GLY A 150 7.40 -9.63 -29.22
N GLY A 151 8.06 -10.17 -28.17
CA GLY A 151 7.33 -10.88 -27.13
C GLY A 151 6.74 -9.95 -26.10
N THR A 152 5.91 -10.52 -25.24
CA THR A 152 5.29 -9.80 -24.13
C THR A 152 5.95 -10.23 -22.82
N LEU A 153 6.37 -9.27 -22.03
CA LEU A 153 6.88 -9.52 -20.69
C LEU A 153 5.72 -9.51 -19.70
N VAL A 154 5.64 -10.54 -18.84
CA VAL A 154 4.65 -10.57 -17.76
C VAL A 154 5.37 -10.72 -16.43
N ASN A 155 4.82 -10.06 -15.39
CA ASN A 155 5.37 -10.18 -14.05
C ASN A 155 4.47 -11.00 -13.15
N TYR A 156 3.59 -11.80 -13.74
CA TYR A 156 2.70 -12.69 -13.03
C TYR A 156 2.61 -13.99 -13.83
N ILE A 157 2.47 -15.09 -13.09
CA ILE A 157 2.24 -16.43 -13.64
C ILE A 157 0.75 -16.63 -13.87
N SER A 158 0.38 -17.24 -15.00
CA SER A 158 -1.02 -17.53 -15.25
C SER A 158 -1.11 -18.73 -16.18
N ASN A 159 -2.32 -19.16 -16.50
CA ASN A 159 -2.40 -20.22 -17.50
C ASN A 159 -2.09 -19.73 -18.91
N ARG A 160 -1.74 -18.46 -19.10
CA ARG A 160 -1.29 -17.96 -20.40
C ARG A 160 0.21 -17.74 -20.50
N THR A 161 0.97 -18.02 -19.43
CA THR A 161 2.42 -17.88 -19.49
C THR A 161 3.01 -18.95 -20.41
N THR A 162 3.64 -18.54 -21.52
CA THR A 162 4.15 -19.56 -22.43
C THR A 162 5.54 -20.05 -22.05
N HIS A 163 6.37 -19.18 -21.46
CA HIS A 163 7.75 -19.50 -21.11
C HIS A 163 8.13 -18.88 -19.79
N VAL A 164 8.87 -19.63 -18.97
CA VAL A 164 9.45 -19.13 -17.73
C VAL A 164 10.97 -19.20 -17.89
N ILE A 165 11.64 -18.04 -17.80
CA ILE A 165 13.10 -17.97 -17.97
C ILE A 165 13.75 -18.18 -16.61
N VAL A 166 14.67 -19.15 -16.53
CA VAL A 166 15.42 -19.46 -15.32
C VAL A 166 16.89 -19.60 -15.67
N GLN A 167 17.77 -19.35 -14.68
CA GLN A 167 19.21 -19.46 -14.87
C GLN A 167 19.71 -20.89 -14.71
N SER A 168 19.12 -21.65 -13.79
CA SER A 168 19.67 -22.94 -13.39
C SER A 168 18.58 -23.72 -12.68
N PRO A 169 18.77 -25.03 -12.50
CA PRO A 169 17.80 -25.82 -11.73
C PRO A 169 17.72 -25.43 -10.26
N GLN A 170 18.65 -24.62 -9.75
CA GLN A 170 18.58 -24.23 -8.34
C GLN A 170 17.55 -23.15 -8.07
N ASP A 171 16.96 -22.53 -9.08
CA ASP A 171 15.97 -21.48 -8.82
C ASP A 171 14.74 -22.07 -8.12
N PRO A 172 14.38 -21.59 -6.92
CA PRO A 172 13.18 -22.15 -6.25
C PRO A 172 11.87 -21.88 -6.97
N ILE A 173 11.85 -20.98 -7.96
CA ILE A 173 10.61 -20.74 -8.70
C ILE A 173 10.16 -21.97 -9.46
N ILE A 174 11.10 -22.88 -9.79
CA ILE A 174 10.74 -24.04 -10.59
C ILE A 174 9.79 -24.95 -9.81
N ALA A 175 10.18 -25.30 -8.58
CA ALA A 175 9.30 -26.11 -7.75
C ALA A 175 8.04 -25.36 -7.33
N THR A 176 8.13 -24.03 -7.15
CA THR A 176 6.95 -23.27 -6.76
C THR A 176 5.89 -23.28 -7.86
N VAL A 177 6.31 -22.93 -9.08
CA VAL A 177 5.36 -22.91 -10.20
C VAL A 177 4.83 -24.31 -10.47
N SER A 178 5.70 -25.32 -10.41
CA SER A 178 5.27 -26.69 -10.64
C SER A 178 4.24 -27.16 -9.62
N LYS A 179 4.21 -26.57 -8.43
CA LYS A 179 3.24 -26.93 -7.42
C LYS A 179 1.91 -26.18 -7.54
N LEU A 180 1.74 -25.35 -8.57
CA LEU A 180 0.48 -24.63 -8.80
C LEU A 180 -0.55 -25.61 -9.34
N THR A 181 -1.11 -26.41 -8.44
CA THR A 181 -2.02 -27.48 -8.79
C THR A 181 -3.33 -27.33 -8.03
N PHE A 182 -4.38 -27.95 -8.56
CA PHE A 182 -5.73 -27.84 -8.01
C PHE A 182 -6.33 -29.22 -7.82
N GLY A 183 -6.95 -29.44 -6.67
CA GLY A 183 -7.58 -30.72 -6.38
C GLY A 183 -8.45 -30.69 -5.14
N GLU A 195 -5.34 -33.68 -8.87
CA GLU A 195 -4.37 -32.59 -8.91
C GLU A 195 -4.09 -32.13 -10.34
N LYS A 196 -4.92 -31.20 -10.83
CA LYS A 196 -4.76 -30.67 -12.19
C LYS A 196 -3.81 -29.48 -12.18
N PRO A 197 -2.85 -29.42 -13.09
CA PRO A 197 -1.95 -28.27 -13.15
C PRO A 197 -2.63 -27.04 -13.74
N LEU A 198 -2.13 -25.87 -13.34
CA LEU A 198 -2.61 -24.63 -13.94
C LEU A 198 -2.39 -24.64 -15.45
N ARG A 199 -1.24 -25.16 -15.90
CA ARG A 199 -0.98 -25.45 -17.30
C ARG A 199 0.28 -26.30 -17.37
N GLU A 200 0.64 -26.69 -18.59
CA GLU A 200 1.93 -27.32 -18.83
C GLU A 200 2.98 -26.24 -18.98
N TRP A 201 4.08 -26.36 -18.23
CA TRP A 201 5.08 -25.31 -18.12
C TRP A 201 6.26 -25.56 -19.05
N LYS A 202 6.81 -24.49 -19.61
CA LYS A 202 8.07 -24.55 -20.35
C LYS A 202 9.05 -23.64 -19.64
N PHE A 203 10.01 -24.24 -18.93
CA PHE A 203 11.12 -23.51 -18.34
C PHE A 203 12.29 -23.55 -19.31
N VAL A 204 12.89 -22.40 -19.62
CA VAL A 204 14.01 -22.35 -20.55
C VAL A 204 15.11 -21.47 -19.97
N TYR A 205 16.34 -21.73 -20.42
CA TYR A 205 17.47 -20.87 -20.07
C TYR A 205 17.41 -19.60 -20.91
N PRO A 206 18.13 -18.55 -20.50
CA PRO A 206 18.05 -17.28 -21.26
C PRO A 206 18.58 -17.39 -22.68
N ILE A 207 19.37 -18.42 -23.01
CA ILE A 207 19.81 -18.60 -24.38
C ILE A 207 18.65 -18.88 -25.33
N TRP A 208 17.47 -19.22 -24.79
CA TRP A 208 16.28 -19.29 -25.65
C TRP A 208 15.98 -17.93 -26.26
N ILE A 209 16.07 -16.86 -25.45
CA ILE A 209 15.96 -15.50 -25.98
C ILE A 209 17.16 -15.16 -26.86
N LEU A 210 18.37 -15.40 -26.34
CA LEU A 210 19.58 -14.91 -27.00
C LEU A 210 19.75 -15.48 -28.39
N TYR A 211 19.43 -16.76 -28.58
CA TYR A 211 19.61 -17.37 -29.89
C TYR A 211 18.73 -16.67 -30.93
N HIS A 212 17.46 -16.43 -30.57
CA HIS A 212 16.58 -15.75 -31.51
C HIS A 212 17.13 -14.37 -31.87
N PHE A 213 17.66 -13.65 -30.87
CA PHE A 213 18.19 -12.32 -31.14
C PHE A 213 19.45 -12.40 -32.00
N LYS A 214 20.36 -13.32 -31.66
CA LYS A 214 21.62 -13.38 -32.37
C LYS A 214 21.44 -13.91 -33.79
N MET A 215 20.64 -14.96 -33.95
CA MET A 215 20.56 -15.63 -35.24
C MET A 215 19.40 -15.15 -36.11
N ALA A 216 18.44 -14.43 -35.52
CA ALA A 216 17.29 -13.86 -36.24
C ALA A 216 16.52 -14.91 -37.02
N LYS A 217 16.39 -16.10 -36.44
CA LYS A 217 15.61 -17.17 -37.03
C LYS A 217 15.09 -18.06 -35.89
N PRO A 218 14.08 -18.88 -36.16
CA PRO A 218 13.54 -19.72 -35.08
C PRO A 218 14.53 -20.78 -34.62
N LEU A 219 14.48 -21.04 -33.31
CA LEU A 219 15.18 -22.16 -32.70
C LEU A 219 14.52 -23.47 -33.11
N LYS A 220 15.33 -24.44 -33.55
CA LYS A 220 14.79 -25.75 -33.86
C LYS A 220 15.83 -26.82 -33.59
N GLY A 221 15.38 -28.07 -33.70
CA GLY A 221 16.24 -29.24 -33.57
C GLY A 221 16.88 -29.34 -32.20
N GLU A 222 18.11 -29.88 -32.20
CA GLU A 222 18.83 -30.10 -30.95
C GLU A 222 19.13 -28.79 -30.21
N LEU A 223 19.33 -27.68 -30.93
CA LEU A 223 19.59 -26.43 -30.23
C LEU A 223 18.37 -25.96 -29.44
N ALA A 224 17.17 -26.25 -29.94
CA ALA A 224 15.96 -25.97 -29.18
C ALA A 224 15.93 -26.81 -27.91
N THR A 225 16.28 -28.10 -28.01
CA THR A 225 16.25 -28.95 -26.82
C THR A 225 17.27 -28.49 -25.78
N LEU A 226 18.43 -28.02 -26.24
CA LEU A 226 19.49 -27.59 -25.33
C LEU A 226 19.10 -26.35 -24.53
N CYS A 227 18.15 -25.57 -25.02
CA CYS A 227 17.69 -24.39 -24.29
C CYS A 227 16.70 -24.73 -23.18
N GLU A 228 16.20 -25.96 -23.13
CA GLU A 228 15.19 -26.34 -22.14
C GLU A 228 15.87 -26.59 -20.80
N LEU A 229 15.18 -26.22 -19.72
CA LEU A 229 15.70 -26.49 -18.39
C LEU A 229 15.99 -27.99 -18.21
N ASP A 230 17.16 -28.31 -17.68
CA ASP A 230 17.58 -29.69 -17.43
C ASP A 230 17.98 -29.78 -15.97
N MET A 231 17.23 -30.53 -15.18
CA MET A 231 17.47 -30.54 -13.73
C MET A 231 18.82 -31.15 -13.36
N GLN A 232 19.52 -31.79 -14.31
CA GLN A 232 20.85 -32.33 -14.06
C GLN A 232 21.94 -31.27 -14.15
N ASP A 233 21.63 -30.07 -14.61
CA ASP A 233 22.61 -29.01 -14.82
C ASP A 233 22.95 -28.31 -13.50
N THR A 234 23.51 -29.06 -12.56
CA THR A 234 23.73 -28.54 -11.22
C THR A 234 25.07 -27.85 -11.03
N SER A 235 25.92 -27.80 -12.06
CA SER A 235 27.23 -27.14 -11.96
C SER A 235 27.31 -25.98 -12.95
N GLU A 236 28.15 -25.00 -12.59
CA GLU A 236 28.42 -23.89 -13.50
C GLU A 236 28.99 -24.38 -14.82
N GLU A 237 29.89 -25.36 -14.78
CA GLU A 237 30.51 -25.90 -15.99
C GLU A 237 29.45 -26.38 -16.99
N GLN A 238 28.43 -27.08 -16.50
CA GLN A 238 27.39 -27.58 -17.39
C GLN A 238 26.59 -26.45 -18.02
N LEU A 239 26.31 -25.39 -17.25
CA LEU A 239 25.64 -24.22 -17.79
C LEU A 239 26.49 -23.54 -18.85
N PHE A 240 27.78 -23.34 -18.56
CA PHE A 240 28.69 -22.73 -19.53
C PHE A 240 28.70 -23.52 -20.83
N ALA A 241 28.65 -24.85 -20.74
CA ALA A 241 28.78 -25.69 -21.93
C ALA A 241 27.55 -25.55 -22.82
N LYS A 242 26.38 -25.42 -22.21
CA LYS A 242 25.16 -25.24 -23.01
C LYS A 242 25.13 -23.88 -23.68
N TRP A 243 25.56 -22.84 -22.97
CA TRP A 243 25.64 -21.52 -23.57
C TRP A 243 26.59 -21.53 -24.77
N GLU A 244 27.75 -22.16 -24.63
CA GLU A 244 28.71 -22.16 -25.72
C GLU A 244 28.18 -22.88 -26.96
N GLU A 245 27.46 -23.98 -26.76
CA GLU A 245 26.93 -24.70 -27.93
C GLU A 245 25.82 -23.93 -28.63
N VAL A 246 25.01 -23.19 -27.87
CA VAL A 246 23.83 -22.57 -28.48
C VAL A 246 24.15 -21.21 -29.09
N ILE A 247 24.93 -20.37 -28.41
CA ILE A 247 25.24 -19.03 -28.92
C ILE A 247 26.74 -18.75 -28.97
N GLY A 248 27.54 -19.80 -28.92
CA GLY A 248 28.98 -19.62 -28.97
C GLY A 248 29.49 -19.23 -30.35
N ASP A 249 30.80 -19.00 -30.41
CA ASP A 249 31.43 -18.41 -31.59
C ASP A 249 31.30 -19.26 -32.85
N LYS A 250 30.86 -20.51 -32.75
CA LYS A 250 30.63 -21.32 -33.94
C LYS A 250 29.24 -21.12 -34.51
N GLN A 251 28.38 -20.35 -33.85
CA GLN A 251 27.06 -19.99 -34.35
C GLN A 251 27.10 -18.51 -34.73
N THR A 252 27.55 -18.24 -35.96
CA THR A 252 27.65 -16.87 -36.42
C THR A 252 26.22 -16.44 -36.74
N SER A 253 25.98 -15.12 -36.73
CA SER A 253 24.65 -14.54 -36.87
C SER A 253 24.28 -14.70 -38.35
N SER A 254 23.58 -15.80 -38.67
CA SER A 254 23.42 -16.23 -40.06
C SER A 254 22.57 -15.23 -40.84
N SER A 255 21.47 -14.76 -40.24
CA SER A 255 20.62 -13.79 -40.91
C SER A 255 20.21 -12.64 -39.99
N GLN A 256 20.91 -12.45 -38.87
CA GLN A 256 20.62 -11.30 -38.00
C GLN A 256 20.94 -9.99 -38.68
N LEU A 257 21.92 -10.00 -39.55
CA LEU A 257 22.32 -8.80 -40.26
C LEU A 257 21.56 -8.60 -41.57
N THR A 258 20.88 -9.63 -42.05
CA THR A 258 19.95 -9.45 -43.16
C THR A 258 18.82 -8.49 -42.76
N LEU A 259 18.25 -8.70 -41.58
CA LEU A 259 17.19 -7.84 -41.06
C LEU A 259 17.72 -6.52 -40.51
N HIS A 260 19.00 -6.47 -40.12
CA HIS A 260 19.64 -5.26 -39.59
C HIS A 260 20.93 -5.02 -40.36
N PRO A 261 20.85 -4.39 -41.54
CA PRO A 261 21.96 -4.43 -42.49
C PRO A 261 23.13 -3.51 -42.18
N ASN A 262 23.07 -2.67 -41.15
CA ASN A 262 24.20 -1.79 -40.88
C ASN A 262 25.23 -2.55 -40.04
N LYS A 263 26.16 -3.23 -40.73
CA LYS A 263 27.17 -4.02 -40.02
C LYS A 263 28.27 -3.17 -39.38
N THR A 264 28.32 -1.87 -39.68
CA THR A 264 29.33 -0.99 -39.09
C THR A 264 28.67 0.06 -38.23
N LEU A 265 27.55 -0.31 -37.59
CA LEU A 265 26.81 0.59 -36.73
C LEU A 265 27.72 1.24 -35.68
N PHE A 266 28.65 0.48 -35.10
CA PHE A 266 29.48 0.97 -34.02
C PHE A 266 30.92 1.23 -34.46
N LYS A 267 31.16 1.33 -35.77
CA LYS A 267 32.49 1.66 -36.29
C LYS A 267 32.98 2.97 -35.68
N ASN A 268 34.26 2.97 -35.27
CA ASN A 268 34.92 4.12 -34.65
C ASN A 268 34.36 4.46 -33.29
N HIS A 269 33.69 3.51 -32.64
CA HIS A 269 33.27 3.66 -31.25
C HIS A 269 33.89 2.53 -30.43
N HIS A 270 34.28 2.86 -29.21
CA HIS A 270 34.95 1.93 -28.31
C HIS A 270 34.34 2.14 -26.94
N PHE A 271 33.70 1.09 -26.42
CA PHE A 271 32.89 1.18 -25.22
C PHE A 271 33.66 0.66 -24.02
N ALA A 272 33.70 1.45 -22.96
CA ALA A 272 34.19 0.98 -21.67
C ALA A 272 33.00 0.43 -20.89
N ILE A 273 33.13 -0.81 -20.41
CA ILE A 273 32.03 -1.49 -19.72
C ILE A 273 32.28 -1.42 -18.23
N SER A 274 31.36 -0.79 -17.50
CA SER A 274 31.54 -0.57 -16.06
C SER A 274 31.46 -1.90 -15.30
N PRO A 275 32.23 -2.04 -14.22
CA PRO A 275 32.09 -3.25 -13.39
C PRO A 275 30.79 -3.32 -12.61
N ASP A 276 29.97 -2.26 -12.58
CA ASP A 276 28.68 -2.41 -11.90
C ASP A 276 27.70 -3.23 -12.72
N LEU A 277 28.07 -3.65 -13.93
CA LEU A 277 27.33 -4.65 -14.68
C LEU A 277 27.93 -6.01 -14.37
N ASN A 278 27.33 -6.71 -13.41
CA ASN A 278 27.82 -8.03 -13.01
C ASN A 278 26.97 -9.09 -13.70
N PHE A 279 27.27 -9.30 -14.98
CA PHE A 279 26.63 -10.35 -15.76
C PHE A 279 27.23 -11.72 -15.48
N PHE A 280 26.38 -12.75 -15.56
CA PHE A 280 26.86 -14.10 -15.85
C PHE A 280 27.90 -14.01 -16.96
N THR A 281 29.06 -14.61 -16.75
CA THR A 281 30.16 -14.34 -17.66
C THR A 281 29.84 -14.65 -19.13
N PRO A 282 29.23 -15.78 -19.49
CA PRO A 282 28.86 -15.98 -20.90
C PRO A 282 27.85 -14.96 -21.43
N LEU A 283 27.14 -14.26 -20.56
CA LEU A 283 26.28 -13.16 -21.02
C LEU A 283 27.11 -11.93 -21.34
N TYR A 284 28.17 -11.67 -20.58
CA TYR A 284 29.11 -10.63 -20.98
C TYR A 284 29.73 -10.95 -22.33
N TRP A 285 30.12 -12.22 -22.54
CA TRP A 285 30.69 -12.63 -23.82
C TRP A 285 29.70 -12.41 -24.96
N PHE A 286 28.42 -12.69 -24.71
CA PHE A 286 27.39 -12.40 -25.72
C PHE A 286 27.34 -10.90 -26.05
N LEU A 287 27.35 -10.05 -25.02
CA LEU A 287 27.25 -8.61 -25.24
C LEU A 287 28.49 -8.08 -25.94
N LYS A 288 29.67 -8.51 -25.50
CA LYS A 288 30.90 -8.12 -26.17
C LYS A 288 30.87 -8.53 -27.65
N GLY A 289 30.47 -9.77 -27.93
CA GLY A 289 30.40 -10.21 -29.31
C GLY A 289 29.39 -9.42 -30.12
N PHE A 290 28.28 -9.05 -29.49
CA PHE A 290 27.26 -8.23 -30.18
C PHE A 290 27.86 -6.90 -30.62
N ILE A 291 28.58 -6.22 -29.73
CA ILE A 291 29.20 -4.95 -30.07
C ILE A 291 30.27 -5.13 -31.15
N GLU A 292 31.15 -6.12 -30.98
CA GLU A 292 32.24 -6.32 -31.94
C GLU A 292 31.72 -6.75 -33.31
N ASP A 293 30.60 -7.48 -33.35
CA ASP A 293 30.01 -7.83 -34.64
C ASP A 293 29.52 -6.62 -35.40
N LEU A 294 29.31 -5.50 -34.71
CA LEU A 294 28.89 -4.25 -35.33
C LEU A 294 30.06 -3.29 -35.50
N ASP A 295 31.29 -3.81 -35.46
CA ASP A 295 32.53 -3.07 -35.67
C ASP A 295 32.87 -2.15 -34.51
N GLY A 296 32.23 -2.36 -33.35
CA GLY A 296 32.63 -1.66 -32.14
C GLY A 296 33.76 -2.36 -31.40
N LYS A 297 34.39 -1.63 -30.49
CA LYS A 297 35.41 -2.19 -29.60
C LYS A 297 34.94 -2.14 -28.16
N VAL A 298 35.47 -3.06 -27.34
CA VAL A 298 35.00 -3.26 -25.97
C VAL A 298 36.21 -3.36 -25.05
N THR A 299 36.17 -2.60 -23.95
CA THR A 299 37.14 -2.74 -22.86
C THR A 299 36.39 -2.84 -21.53
N PRO A 300 36.48 -3.96 -20.83
CA PRO A 300 35.87 -4.04 -19.50
C PRO A 300 36.70 -3.27 -18.48
N LEU A 301 36.03 -2.52 -17.62
CA LEU A 301 36.68 -1.85 -16.52
C LEU A 301 36.58 -2.70 -15.26
N SER A 302 37.57 -2.57 -14.38
CA SER A 302 37.53 -3.24 -13.09
C SER A 302 37.60 -2.21 -11.98
N PHE A 303 37.04 -2.59 -10.82
CA PHE A 303 37.09 -1.71 -9.65
C PHE A 303 38.52 -1.37 -9.23
N SER A 304 39.50 -2.16 -9.66
CA SER A 304 40.89 -1.93 -9.30
C SER A 304 41.68 -1.19 -10.37
N ASP A 305 41.10 -0.96 -11.56
CA ASP A 305 41.81 -0.24 -12.62
C ASP A 305 42.21 1.16 -12.15
N ASP A 306 43.38 1.61 -12.59
CA ASP A 306 43.71 3.04 -12.53
C ASP A 306 43.17 3.68 -13.79
N LEU A 307 42.04 4.37 -13.66
CA LEU A 307 41.28 4.79 -14.84
C LEU A 307 42.08 5.72 -15.73
N LYS A 308 42.84 6.65 -15.12
CA LYS A 308 43.67 7.53 -15.92
C LYS A 308 44.61 6.73 -16.82
N SER A 309 45.21 5.65 -16.27
CA SER A 309 46.09 4.80 -17.06
C SER A 309 45.34 4.11 -18.21
N VAL A 310 44.12 3.65 -17.93
CA VAL A 310 43.35 2.93 -18.95
C VAL A 310 42.97 3.87 -20.09
N TYR A 311 42.45 5.05 -19.75
CA TYR A 311 42.01 5.98 -20.78
C TYR A 311 43.18 6.57 -21.54
N GLN A 312 44.36 6.65 -20.91
CA GLN A 312 45.57 7.06 -21.63
C GLN A 312 46.02 5.99 -22.61
N ALA A 313 45.91 4.71 -22.22
CA ALA A 313 46.37 3.63 -23.10
C ALA A 313 45.42 3.42 -24.26
N PHE A 314 44.12 3.65 -24.05
CA PHE A 314 43.09 3.50 -25.08
C PHE A 314 42.40 4.84 -25.30
N PRO A 315 43.08 5.79 -25.95
CA PRO A 315 42.47 7.11 -26.17
C PRO A 315 41.26 7.08 -27.08
N ASP A 316 41.04 5.98 -27.79
CA ASP A 316 39.86 5.83 -28.64
C ASP A 316 38.58 5.52 -27.85
N ILE A 317 38.67 5.19 -26.56
CA ILE A 317 37.45 4.95 -25.81
C ILE A 317 36.65 6.24 -25.78
N ASP A 318 35.42 6.18 -26.31
CA ASP A 318 34.56 7.36 -26.38
C ASP A 318 33.18 7.12 -25.78
N CYS A 319 32.90 5.93 -25.25
CA CYS A 319 31.61 5.63 -24.65
C CYS A 319 31.82 4.89 -23.34
N TYR A 320 30.97 5.19 -22.36
CA TYR A 320 30.88 4.46 -21.11
C TYR A 320 29.52 3.79 -21.04
N ILE A 321 29.50 2.52 -20.66
CA ILE A 321 28.29 1.73 -20.50
C ILE A 321 28.20 1.30 -19.04
N GLY A 322 27.15 1.72 -18.34
CA GLY A 322 27.02 1.35 -16.94
C GLY A 322 25.58 1.20 -16.50
N HIS A 323 25.42 0.56 -15.34
CA HIS A 323 24.09 0.33 -14.79
C HIS A 323 23.58 1.52 -13.97
N SER A 324 24.42 2.08 -13.11
CA SER A 324 23.95 3.05 -12.12
C SER A 324 24.56 4.42 -12.35
N ALA A 325 23.70 5.45 -12.26
CA ALA A 325 24.16 6.83 -12.38
C ALA A 325 25.12 7.22 -11.28
N ASN A 326 25.07 6.56 -10.13
CA ASN A 326 25.82 7.00 -8.96
C ASN A 326 27.10 6.21 -8.74
N SER A 327 27.52 5.44 -9.72
CA SER A 327 28.77 4.68 -9.61
C SER A 327 29.97 5.62 -9.46
N PRO A 328 30.86 5.39 -8.49
CA PRO A 328 32.07 6.21 -8.42
C PRO A 328 32.97 6.03 -9.64
N ILE A 329 32.91 4.88 -10.31
CA ILE A 329 33.69 4.68 -11.53
C ILE A 329 33.27 5.69 -12.59
N LEU A 330 31.95 5.92 -12.71
CA LEU A 330 31.44 6.87 -13.69
C LEU A 330 31.85 8.30 -13.34
N GLU A 331 31.76 8.68 -12.07
CA GLU A 331 32.17 10.02 -11.65
C GLU A 331 33.63 10.26 -12.01
N LYS A 332 34.51 9.31 -11.69
CA LYS A 332 35.91 9.48 -12.03
C LYS A 332 36.11 9.53 -13.54
N THR A 333 35.37 8.72 -14.30
CA THR A 333 35.47 8.73 -15.76
C THR A 333 35.11 10.09 -16.33
N LYS A 334 34.04 10.72 -15.83
CA LYS A 334 33.64 12.00 -16.37
C LYS A 334 34.67 13.08 -16.09
N SER A 335 35.40 12.97 -14.98
CA SER A 335 36.42 13.98 -14.71
C SER A 335 37.62 13.81 -15.63
N ILE A 336 37.88 12.60 -16.10
CA ILE A 336 38.99 12.34 -17.02
C ILE A 336 38.58 12.60 -18.47
N LYS A 337 37.36 12.18 -18.83
CA LYS A 337 36.84 12.31 -20.19
C LYS A 337 35.53 13.08 -20.12
N PRO A 338 35.57 14.41 -20.13
CA PRO A 338 34.33 15.19 -19.99
C PRO A 338 33.32 14.99 -21.12
N GLU A 339 33.78 14.67 -22.34
CA GLU A 339 32.88 14.55 -23.49
C GLU A 339 32.44 13.12 -23.76
N ILE A 340 32.73 12.17 -22.86
CA ILE A 340 32.43 10.78 -23.15
C ILE A 340 30.93 10.56 -23.20
N HIS A 341 30.50 9.68 -24.10
CA HIS A 341 29.10 9.27 -24.13
C HIS A 341 28.82 8.40 -22.92
N VAL A 342 27.71 8.67 -22.21
CA VAL A 342 27.38 7.95 -20.99
C VAL A 342 26.02 7.29 -21.18
N GLY A 343 26.01 5.97 -21.35
CA GLY A 343 24.78 5.25 -21.62
C GLY A 343 24.69 3.98 -20.81
N ASN A 344 23.58 3.28 -20.98
CA ASN A 344 23.42 1.96 -20.41
C ASN A 344 23.34 0.92 -21.53
N VAL A 345 23.14 -0.35 -21.15
CA VAL A 345 23.08 -1.40 -22.15
C VAL A 345 21.85 -1.24 -23.04
N SER A 346 20.73 -0.82 -22.45
CA SER A 346 19.51 -0.57 -23.24
C SER A 346 19.77 0.42 -24.37
N TRP A 347 20.64 1.40 -24.14
CA TRP A 347 20.98 2.38 -25.18
C TRP A 347 21.60 1.70 -26.40
N LEU A 348 22.48 0.71 -26.19
CA LEU A 348 23.06 -0.02 -27.31
C LEU A 348 21.96 -0.66 -28.17
N PHE A 349 20.99 -1.31 -27.52
CA PHE A 349 19.94 -2.02 -28.24
C PHE A 349 18.98 -1.07 -28.93
N TYR A 350 18.75 0.11 -28.35
CA TYR A 350 17.96 1.15 -29.02
C TYR A 350 18.66 1.66 -30.28
N MET A 351 19.97 1.89 -30.21
CA MET A 351 20.70 2.28 -31.43
C MET A 351 20.63 1.18 -32.47
N PHE A 352 20.67 -0.07 -32.02
CA PHE A 352 20.57 -1.20 -32.94
C PHE A 352 19.21 -1.21 -33.64
N ALA A 353 18.15 -0.96 -32.87
CA ALA A 353 16.80 -0.87 -33.44
C ALA A 353 16.69 0.30 -34.41
N LEU A 354 17.24 1.47 -34.05
CA LEU A 354 17.21 2.62 -34.94
C LEU A 354 18.17 2.48 -36.11
N GLN A 355 19.14 1.58 -35.99
CA GLN A 355 20.21 1.42 -36.97
C GLN A 355 21.02 2.70 -37.15
N LYS A 356 21.15 3.50 -36.09
CA LYS A 356 21.95 4.73 -36.16
C LYS A 356 22.57 4.99 -34.81
N PHE A 357 23.88 5.29 -34.78
CA PHE A 357 24.47 5.75 -33.54
C PHE A 357 23.85 7.10 -33.16
N THR A 358 23.34 7.17 -31.93
CA THR A 358 22.57 8.32 -31.51
C THR A 358 23.02 8.75 -30.12
N PRO A 359 23.47 10.00 -29.95
CA PRO A 359 23.86 10.47 -28.62
C PRO A 359 22.71 10.28 -27.62
N VAL A 360 23.09 9.98 -26.38
CA VAL A 360 22.11 9.64 -25.35
C VAL A 360 21.11 10.77 -25.12
N SER A 361 21.54 12.02 -25.31
CA SER A 361 20.63 13.14 -25.06
C SER A 361 19.49 13.18 -26.07
N GLN A 362 19.65 12.56 -27.23
CA GLN A 362 18.61 12.42 -28.23
C GLN A 362 17.82 11.14 -28.08
N CYS A 363 18.16 10.30 -27.11
CA CYS A 363 17.44 9.07 -26.81
C CYS A 363 16.46 9.33 -25.66
N LYS A 364 15.99 8.27 -25.02
CA LYS A 364 14.92 8.39 -24.02
C LYS A 364 15.47 8.31 -22.60
N LEU A 365 14.59 8.60 -21.62
CA LEU A 365 15.02 8.63 -20.23
C LEU A 365 15.60 7.29 -19.78
N ILE A 366 15.07 6.19 -20.34
CA ILE A 366 15.49 4.85 -19.92
C ILE A 366 16.84 4.44 -20.51
N HIS A 367 17.51 5.33 -21.24
CA HIS A 367 18.76 4.97 -21.90
C HIS A 367 19.99 5.56 -21.21
N GLN A 368 19.81 6.22 -20.06
CA GLN A 368 20.94 6.64 -19.23
C GLN A 368 21.11 5.69 -18.05
N PRO A 369 22.32 5.60 -17.49
CA PRO A 369 22.48 4.83 -16.25
C PRO A 369 21.43 5.28 -15.23
N PHE A 370 20.90 4.32 -14.49
CA PHE A 370 19.67 4.56 -13.72
C PHE A 370 19.92 5.35 -12.44
N HIS A 371 18.98 6.23 -12.14
CA HIS A 371 18.96 6.94 -10.87
C HIS A 371 18.82 5.96 -9.72
N ALA A 372 19.22 6.41 -8.54
CA ALA A 372 18.83 5.70 -7.33
C ALA A 372 17.31 5.63 -7.26
N LYS A 373 16.81 4.55 -6.67
CA LYS A 373 15.36 4.37 -6.57
C LYS A 373 14.73 5.53 -5.80
N LEU A 374 13.78 6.19 -6.45
CA LEU A 374 13.07 7.34 -5.87
C LEU A 374 11.99 6.89 -4.89
N PHE A 375 11.20 5.90 -5.29
CA PHE A 375 10.09 5.36 -4.52
C PHE A 375 10.42 3.95 -4.03
N THR A 376 9.64 3.48 -3.05
CA THR A 376 9.56 2.07 -2.71
C THR A 376 8.31 1.45 -3.34
N SER A 377 8.26 0.12 -3.35
CA SER A 377 7.08 -0.57 -3.85
C SER A 377 5.84 -0.26 -3.02
N LYS A 378 6.01 -0.04 -1.71
CA LYS A 378 4.86 0.30 -0.88
C LYS A 378 4.26 1.65 -1.29
N GLU A 379 5.09 2.54 -1.83
CA GLU A 379 4.68 3.87 -2.26
C GLU A 379 4.21 3.91 -3.71
N LEU A 380 4.61 2.92 -4.52
CA LEU A 380 4.45 3.03 -5.98
C LEU A 380 4.22 1.61 -6.53
N THR A 381 2.96 1.19 -6.48
CA THR A 381 2.56 -0.08 -7.10
C THR A 381 1.41 0.26 -8.03
N VAL A 382 1.70 0.43 -9.32
CA VAL A 382 0.79 1.14 -10.20
C VAL A 382 0.17 0.18 -11.21
N ALA A 383 -1.15 0.29 -11.36
CA ALA A 383 -1.86 -0.25 -12.52
C ALA A 383 -1.81 0.76 -13.65
N TYR A 384 -1.97 0.28 -14.87
CA TYR A 384 -2.03 1.18 -16.02
C TYR A 384 -3.11 0.69 -16.97
N THR A 385 -3.61 1.62 -17.77
CA THR A 385 -4.74 1.33 -18.65
C THR A 385 -4.69 2.28 -19.84
N ASN A 386 -5.19 1.79 -20.98
CA ASN A 386 -5.32 2.55 -22.23
C ASN A 386 -4.00 2.74 -22.95
N TYR A 387 -2.96 1.99 -22.58
CA TYR A 387 -1.71 1.93 -23.33
C TYR A 387 -1.68 0.68 -24.22
N PHE A 388 -1.01 0.80 -25.37
CA PHE A 388 -0.96 -0.32 -26.31
C PHE A 388 0.47 -0.65 -26.69
N GLY A 389 0.71 -1.93 -26.96
CA GLY A 389 1.98 -2.34 -27.57
C GLY A 389 3.18 -1.96 -26.72
N SER A 390 4.18 -1.36 -27.36
CA SER A 390 5.44 -1.00 -26.71
C SER A 390 5.28 0.07 -25.63
N GLN A 391 4.15 0.79 -25.62
CA GLN A 391 3.88 1.68 -24.49
C GLN A 391 3.79 0.92 -23.18
N ARG A 392 3.28 -0.31 -23.22
CA ARG A 392 3.17 -1.09 -21.99
C ARG A 392 4.54 -1.49 -21.50
N PHE A 393 5.43 -1.86 -22.41
CA PHE A 393 6.81 -2.18 -22.02
C PHE A 393 7.50 -0.95 -21.42
N TYR A 394 7.28 0.22 -22.01
CA TYR A 394 7.93 1.43 -21.53
C TYR A 394 7.46 1.79 -20.12
N ILE A 395 6.15 1.71 -19.86
CA ILE A 395 5.71 2.05 -18.53
CA ILE A 395 5.63 1.99 -18.52
C ILE A 395 6.23 1.05 -17.51
N GLN A 396 6.31 -0.24 -17.85
CA GLN A 396 6.91 -1.23 -16.95
C GLN A 396 8.34 -0.84 -16.59
N ARG A 397 9.13 -0.45 -17.59
CA ARG A 397 10.52 -0.06 -17.35
C ARG A 397 10.59 1.22 -16.52
N LEU A 398 9.77 2.22 -16.86
CA LEU A 398 9.80 3.48 -16.15
C LEU A 398 9.47 3.30 -14.68
N VAL A 399 8.41 2.52 -14.38
CA VAL A 399 8.04 2.27 -12.98
C VAL A 399 9.15 1.52 -12.27
N GLU A 400 9.75 0.53 -12.97
CA GLU A 400 10.82 -0.25 -12.37
C GLU A 400 11.99 0.63 -11.93
N ILE A 401 12.42 1.56 -12.80
CA ILE A 401 13.59 2.38 -12.45
C ILE A 401 13.23 3.54 -11.53
N LEU A 402 11.95 3.88 -11.40
CA LEU A 402 11.51 4.75 -10.32
C LEU A 402 11.53 4.05 -8.95
N GLY A 403 11.60 2.72 -8.93
CA GLY A 403 11.65 1.98 -7.68
C GLY A 403 10.35 1.26 -7.33
N GLY A 404 9.33 1.31 -8.20
CA GLY A 404 8.04 0.74 -7.90
C GLY A 404 7.80 -0.58 -8.60
N LEU A 405 6.54 -1.03 -8.54
CA LEU A 405 6.05 -2.23 -9.19
C LEU A 405 4.88 -1.81 -10.07
N SER A 406 4.75 -2.47 -11.24
CA SER A 406 3.65 -2.24 -12.17
CA SER A 406 3.60 -2.22 -12.11
C SER A 406 2.76 -3.48 -12.23
N THR A 407 1.47 -3.28 -12.58
CA THR A 407 0.54 -4.39 -12.69
C THR A 407 -0.36 -4.10 -13.89
N PRO A 408 -0.60 -5.08 -14.77
CA PRO A 408 -1.63 -4.89 -15.82
C PRO A 408 -3.03 -4.99 -15.28
N GLU A 409 -3.21 -5.65 -14.14
CA GLU A 409 -4.51 -5.78 -13.51
C GLU A 409 -4.67 -4.70 -12.44
N LEU A 410 -5.93 -4.40 -12.13
CA LEU A 410 -6.27 -3.46 -11.06
C LEU A 410 -6.78 -4.23 -9.85
N THR A 411 -6.14 -4.04 -8.68
CA THR A 411 -6.66 -4.55 -7.42
C THR A 411 -6.57 -3.45 -6.37
N ARG A 412 -7.07 -3.76 -5.17
CA ARG A 412 -6.98 -2.79 -4.08
C ARG A 412 -5.56 -2.66 -3.53
N LYS A 413 -4.63 -3.50 -3.98
CA LYS A 413 -3.23 -3.33 -3.60
C LYS A 413 -2.60 -2.13 -4.30
N ASN A 414 -3.12 -1.73 -5.46
CA ASN A 414 -2.50 -0.66 -6.23
C ASN A 414 -2.62 0.69 -5.52
N THR A 415 -1.53 1.47 -5.59
CA THR A 415 -1.48 2.82 -5.04
C THR A 415 -1.88 3.88 -6.06
N HIS A 416 -1.71 3.58 -7.34
CA HIS A 416 -1.97 4.52 -8.43
C HIS A 416 -2.56 3.75 -9.59
N LEU A 417 -3.38 4.45 -10.38
CA LEU A 417 -3.71 4.08 -11.75
C LEU A 417 -3.12 5.14 -12.68
N ILE A 418 -2.34 4.69 -13.67
CA ILE A 418 -1.73 5.58 -14.67
C ILE A 418 -2.56 5.45 -15.95
N THR A 419 -3.01 6.58 -16.46
CA THR A 419 -3.84 6.58 -17.67
C THR A 419 -3.63 7.88 -18.43
N LYS A 420 -3.86 7.82 -19.74
CA LYS A 420 -3.75 8.99 -20.58
C LYS A 420 -5.11 9.50 -21.07
N SER A 421 -6.18 8.74 -20.84
CA SER A 421 -7.52 9.08 -21.28
C SER A 421 -8.51 8.66 -20.22
N THR A 422 -9.79 8.95 -20.45
CA THR A 422 -10.83 8.60 -19.49
C THR A 422 -11.63 7.37 -19.91
N ILE A 423 -11.18 6.63 -20.91
CA ILE A 423 -12.00 5.52 -21.40
C ILE A 423 -11.73 4.28 -20.57
N GLY A 424 -12.72 3.39 -20.51
CA GLY A 424 -12.50 2.03 -20.05
C GLY A 424 -12.91 1.78 -18.60
N LYS A 425 -12.93 0.48 -18.26
CA LYS A 425 -13.47 0.05 -16.98
C LYS A 425 -12.58 0.45 -15.81
N LYS A 426 -11.26 0.38 -15.99
CA LYS A 426 -10.37 0.65 -14.87
C LYS A 426 -10.45 2.11 -14.44
N PHE A 427 -10.49 3.04 -15.41
CA PHE A 427 -10.62 4.45 -15.06
C PHE A 427 -11.89 4.71 -14.26
N LYS A 428 -13.02 4.12 -14.69
CA LYS A 428 -14.28 4.32 -13.98
C LYS A 428 -14.19 3.79 -12.54
N VAL A 429 -13.64 2.58 -12.37
CA VAL A 429 -13.55 1.99 -11.04
C VAL A 429 -12.59 2.79 -10.17
N ALA A 430 -11.42 3.14 -10.71
CA ALA A 430 -10.40 3.82 -9.91
C ALA A 430 -10.82 5.24 -9.54
N LYS A 431 -11.55 5.93 -10.43
CA LYS A 431 -12.05 7.24 -10.06
C LYS A 431 -12.97 7.14 -8.84
N LYS A 432 -13.82 6.10 -8.77
CA LYS A 432 -14.68 5.94 -7.61
C LYS A 432 -13.86 5.56 -6.39
N TRP A 433 -12.87 4.68 -6.57
CA TRP A 433 -12.00 4.32 -5.46
C TRP A 433 -11.25 5.51 -4.92
N SER A 434 -10.91 6.49 -5.77
CA SER A 434 -10.12 7.62 -5.29
C SER A 434 -10.89 8.45 -4.28
N LEU A 435 -12.22 8.42 -4.33
CA LEU A 435 -13.07 9.16 -3.42
C LEU A 435 -13.47 8.36 -2.18
N ASP A 436 -13.05 7.10 -2.08
CA ASP A 436 -13.39 6.24 -0.96
C ASP A 436 -12.23 6.27 0.04
N PRO A 437 -12.41 6.79 1.26
CA PRO A 437 -11.27 6.87 2.18
C PRO A 437 -10.66 5.52 2.53
N GLN A 438 -11.42 4.43 2.45
CA GLN A 438 -10.92 3.08 2.64
C GLN A 438 -9.97 2.63 1.54
N ASN A 439 -9.98 3.29 0.38
CA ASN A 439 -9.09 2.93 -0.72
C ASN A 439 -8.17 4.10 -1.06
N ALA A 440 -8.66 5.14 -1.76
CA ALA A 440 -7.95 6.39 -1.99
C ALA A 440 -6.80 6.22 -2.99
N ILE A 441 -6.92 5.27 -3.91
CA ILE A 441 -6.01 5.17 -5.04
C ILE A 441 -5.88 6.53 -5.73
N ILE A 442 -4.72 6.82 -6.30
CA ILE A 442 -4.49 8.06 -7.03
C ILE A 442 -4.54 7.77 -8.53
N VAL A 443 -5.33 8.54 -9.27
CA VAL A 443 -5.37 8.47 -10.74
C VAL A 443 -4.57 9.64 -11.29
N THR A 444 -3.59 9.36 -12.15
CA THR A 444 -2.74 10.39 -12.73
C THR A 444 -2.24 9.92 -14.11
N ASN A 445 -1.62 10.82 -14.88
CA ASN A 445 -1.17 10.44 -16.22
C ASN A 445 0.32 10.05 -16.20
N HIS A 446 0.82 9.58 -17.37
CA HIS A 446 2.19 9.08 -17.43
C HIS A 446 3.23 10.19 -17.35
N MET A 447 2.85 11.44 -17.60
CA MET A 447 3.84 12.49 -17.47
CA MET A 447 3.79 12.54 -17.45
C MET A 447 4.26 12.68 -16.02
N TRP A 448 3.41 12.31 -15.06
CA TRP A 448 3.84 12.31 -13.67
C TRP A 448 5.03 11.38 -13.47
N LEU A 449 4.91 10.11 -13.91
CA LEU A 449 6.05 9.19 -13.86
C LEU A 449 7.28 9.76 -14.55
N GLU A 450 7.11 10.28 -15.77
CA GLU A 450 8.26 10.74 -16.54
C GLU A 450 8.94 11.93 -15.87
N GLN A 451 8.16 12.88 -15.36
CA GLN A 451 8.73 14.08 -14.74
C GLN A 451 9.36 13.76 -13.39
N CYS A 452 8.74 12.85 -12.61
CA CYS A 452 9.36 12.41 -11.37
C CYS A 452 10.75 11.84 -11.62
N TYR A 453 10.88 11.00 -12.64
CA TYR A 453 12.19 10.41 -12.93
C TYR A 453 13.16 11.45 -13.45
N MET A 454 12.73 12.25 -14.42
CA MET A 454 13.62 13.22 -15.03
C MET A 454 14.13 14.23 -14.02
N ASN A 455 13.28 14.65 -13.09
CA ASN A 455 13.68 15.59 -12.05
C ASN A 455 14.17 14.91 -10.79
N ASN A 456 14.17 13.57 -10.76
CA ASN A 456 14.53 12.78 -9.57
C ASN A 456 13.86 13.32 -8.31
N SER A 457 12.55 13.55 -8.39
CA SER A 457 11.85 14.20 -7.30
C SER A 457 10.42 13.70 -7.23
N LYS A 458 9.88 13.59 -6.01
CA LYS A 458 8.52 13.10 -5.81
C LYS A 458 7.54 14.25 -6.00
N LEU A 459 7.14 14.45 -7.24
CA LEU A 459 6.17 15.48 -7.61
C LEU A 459 4.77 15.08 -7.16
N ASN A 460 3.88 16.08 -7.06
CA ASN A 460 2.49 15.89 -6.66
C ASN A 460 1.67 15.39 -7.85
N PRO A 461 1.18 14.16 -7.82
CA PRO A 461 0.44 13.63 -8.98
C PRO A 461 -0.89 14.32 -9.22
N LYS A 462 -1.35 15.17 -8.31
CA LYS A 462 -2.62 15.87 -8.49
C LYS A 462 -2.44 17.28 -9.06
N ASP A 463 -1.21 17.69 -9.40
CA ASP A 463 -1.01 18.91 -10.17
C ASP A 463 -1.81 18.82 -11.47
N SER A 464 -2.27 19.97 -11.95
CA SER A 464 -3.19 19.97 -13.10
C SER A 464 -2.54 19.36 -14.35
N ARG A 465 -1.23 19.56 -14.54
CA ARG A 465 -0.57 18.99 -15.72
C ARG A 465 -0.56 17.46 -15.69
N PHE A 466 -0.63 16.85 -14.52
CA PHE A 466 -0.71 15.41 -14.38
C PHE A 466 -2.15 14.90 -14.26
N GLN A 467 -3.11 15.80 -14.24
CA GLN A 467 -4.52 15.44 -14.27
C GLN A 467 -5.13 15.66 -15.65
N ASN A 468 -4.29 15.89 -16.66
CA ASN A 468 -4.74 16.05 -18.03
C ASN A 468 -4.95 14.66 -18.61
N PHE A 469 -6.21 14.29 -18.83
CA PHE A 469 -6.55 12.98 -19.39
C PHE A 469 -7.03 13.11 -20.84
N LYS A 470 -6.51 14.10 -21.54
CA LYS A 470 -6.71 14.26 -22.98
C LYS A 470 -5.37 14.39 -23.69
N LEU A 471 -4.37 13.65 -23.22
CA LEU A 471 -3.02 13.73 -23.78
C LEU A 471 -2.96 13.29 -25.23
N ASP A 472 -3.84 12.36 -25.63
CA ASP A 472 -3.87 11.90 -27.01
C ASP A 472 -4.22 13.01 -28.00
N ASP A 473 -4.62 14.19 -27.50
CA ASP A 473 -4.85 15.34 -28.38
C ASP A 473 -3.56 15.88 -29.01
N ASN A 474 -2.40 15.51 -28.49
CA ASN A 474 -1.12 16.00 -29.00
C ASN A 474 -0.14 14.83 -29.06
N MET A 475 0.35 14.52 -30.27
CA MET A 475 1.23 13.38 -30.44
C MET A 475 2.53 13.55 -29.66
N GLY A 476 2.94 14.79 -29.41
CA GLY A 476 4.16 15.04 -28.66
C GLY A 476 4.09 14.65 -27.21
N TRP A 477 2.88 14.42 -26.69
CA TRP A 477 2.67 13.96 -25.31
C TRP A 477 2.65 12.44 -25.20
N ASN A 478 2.94 11.72 -26.29
CA ASN A 478 3.10 10.28 -26.22
C ASN A 478 4.11 9.91 -25.15
N ILE A 479 3.82 8.85 -24.40
CA ILE A 479 4.74 8.42 -23.36
C ILE A 479 6.07 8.04 -24.00
N GLY A 480 7.17 8.40 -23.32
CA GLY A 480 8.51 8.19 -23.85
C GLY A 480 9.11 9.36 -24.58
N GLN A 481 8.34 10.43 -24.81
CA GLN A 481 8.86 11.62 -25.47
C GLN A 481 9.54 12.61 -24.51
N ILE A 482 9.09 12.68 -23.26
CA ILE A 482 9.69 13.60 -22.29
C ILE A 482 11.14 13.21 -22.10
N GLY A 483 12.03 14.20 -22.20
CA GLY A 483 13.45 13.99 -22.00
C GLY A 483 14.27 13.87 -23.26
N MET A 484 13.64 13.86 -24.43
CA MET A 484 14.35 13.74 -25.70
C MET A 484 14.75 15.13 -26.20
N ASP A 485 16.03 15.29 -26.54
CA ASP A 485 16.51 16.50 -27.20
C ASP A 485 16.34 16.36 -28.71
N HIS A 486 15.93 17.45 -29.35
CA HIS A 486 15.69 17.41 -30.79
C HIS A 486 16.98 17.20 -31.59
N GLY B 1 21.53 -9.43 -5.45
CA GLY B 1 20.87 -9.43 -6.74
C GLY B 1 19.52 -10.10 -6.76
N PRO B 2 19.51 -11.43 -6.93
CA PRO B 2 18.24 -12.13 -7.11
C PRO B 2 17.46 -12.26 -5.81
N LEU B 3 16.14 -12.17 -5.92
CA LEU B 3 15.25 -12.43 -4.80
C LEU B 3 15.49 -13.83 -4.23
N GLY B 4 15.28 -13.98 -2.92
CA GLY B 4 15.63 -15.21 -2.24
C GLY B 4 14.51 -15.71 -1.35
N SER B 5 14.91 -16.27 -0.21
CA SER B 5 14.00 -16.93 0.70
C SER B 5 12.94 -15.96 1.23
N GLY B 6 11.72 -16.44 1.38
CA GLY B 6 10.64 -15.63 1.90
C GLY B 6 9.97 -14.71 0.90
N SER B 7 10.57 -14.51 -0.28
CA SER B 7 9.91 -13.70 -1.29
C SER B 7 8.77 -14.49 -1.94
N SER B 8 8.01 -13.81 -2.79
CA SER B 8 6.82 -14.38 -3.39
C SER B 8 6.79 -14.09 -4.88
N ILE B 9 5.85 -14.75 -5.56
CA ILE B 9 5.57 -14.49 -6.96
C ILE B 9 4.08 -14.22 -7.08
N ARG B 10 3.71 -13.49 -8.13
CA ARG B 10 2.32 -13.16 -8.44
C ARG B 10 1.72 -14.26 -9.31
N VAL B 11 0.54 -14.75 -8.94
CA VAL B 11 -0.17 -15.75 -9.72
C VAL B 11 -1.60 -15.27 -9.95
N LYS B 12 -2.00 -15.19 -11.23
CA LYS B 12 -3.35 -14.79 -11.59
C LYS B 12 -4.20 -16.04 -11.78
N LEU B 13 -5.27 -16.14 -10.98
CA LEU B 13 -6.08 -17.34 -10.84
C LEU B 13 -7.55 -16.96 -10.93
N LEU B 14 -8.38 -17.84 -11.47
CA LEU B 14 -9.82 -17.67 -11.32
C LEU B 14 -10.19 -17.69 -9.83
N GLN B 15 -11.05 -16.75 -9.42
CA GLN B 15 -11.47 -16.68 -8.03
C GLN B 15 -12.00 -18.02 -7.53
N GLU B 16 -12.78 -18.71 -8.37
CA GLU B 16 -13.28 -20.05 -8.05
C GLU B 16 -12.15 -21.02 -7.72
N SER B 17 -10.97 -20.82 -8.31
CA SER B 17 -9.88 -21.79 -8.19
C SER B 17 -9.12 -21.68 -6.88
N VAL B 18 -9.25 -20.56 -6.17
CA VAL B 18 -8.39 -20.31 -5.01
C VAL B 18 -8.62 -21.35 -3.93
N VAL B 19 -9.89 -21.65 -3.65
CA VAL B 19 -10.20 -22.61 -2.59
C VAL B 19 -9.66 -23.99 -2.93
N LYS B 20 -9.40 -24.27 -4.20
CA LYS B 20 -8.87 -25.56 -4.65
C LYS B 20 -7.36 -25.56 -4.84
N LEU B 21 -6.70 -24.44 -4.62
CA LEU B 21 -5.26 -24.37 -4.84
C LEU B 21 -4.56 -25.28 -3.84
N ASN B 22 -3.42 -25.86 -4.26
CA ASN B 22 -2.55 -26.71 -3.46
C ASN B 22 -2.45 -26.10 -2.07
N PRO B 23 -2.92 -26.80 -1.02
CA PRO B 23 -2.90 -26.21 0.32
C PRO B 23 -1.48 -26.16 0.90
N LYS B 24 -0.51 -26.85 0.29
CA LYS B 24 0.86 -26.82 0.78
C LYS B 24 1.61 -25.57 0.37
N LEU B 25 1.09 -24.80 -0.58
CA LEU B 25 1.66 -23.49 -0.90
C LEU B 25 1.26 -22.46 0.15
N VAL B 26 2.20 -21.61 0.53
CA VAL B 26 1.94 -20.55 1.50
C VAL B 26 1.52 -19.29 0.76
N LYS B 27 0.30 -18.82 1.00
CA LYS B 27 -0.23 -17.60 0.41
C LYS B 27 0.09 -16.42 1.32
N HIS B 28 0.87 -15.46 0.82
CA HIS B 28 1.08 -14.24 1.59
C HIS B 28 -0.16 -13.36 1.57
N ASN B 29 -0.74 -13.17 0.39
CA ASN B 29 -1.93 -12.35 0.23
C ASN B 29 -2.71 -12.84 -0.98
N PHE B 30 -3.97 -12.41 -1.04
CA PHE B 30 -4.81 -12.64 -2.21
C PHE B 30 -5.61 -11.36 -2.43
N TYR B 31 -5.77 -10.93 -3.69
CA TYR B 31 -6.47 -9.68 -3.99
C TYR B 31 -7.50 -9.95 -5.07
N ARG B 32 -8.71 -9.46 -4.88
CA ARG B 32 -9.73 -9.56 -5.91
C ARG B 32 -9.42 -8.60 -7.05
N VAL B 33 -9.46 -9.10 -8.31
CA VAL B 33 -9.22 -8.27 -9.47
C VAL B 33 -10.52 -7.58 -9.87
N GLU B 34 -10.43 -6.29 -10.21
CA GLU B 34 -11.58 -5.52 -10.67
C GLU B 34 -11.32 -4.97 -12.06
N ALA B 35 -12.41 -4.69 -12.79
CA ALA B 35 -12.31 -4.07 -14.12
C ALA B 35 -11.38 -4.84 -15.04
N ASN B 36 -11.43 -6.17 -14.97
CA ASN B 36 -10.64 -6.99 -15.88
C ASN B 36 -11.09 -6.78 -17.33
N ASP B 37 -10.10 -6.67 -18.23
CA ASP B 37 -10.35 -6.57 -19.66
C ASP B 37 -9.82 -7.82 -20.34
N SER B 38 -10.70 -8.61 -20.93
CA SER B 38 -10.24 -9.77 -21.68
C SER B 38 -9.61 -9.29 -22.99
N GLU B 39 -8.35 -9.66 -23.23
CA GLU B 39 -7.72 -9.34 -24.50
C GLU B 39 -7.45 -10.60 -25.32
N GLU B 40 -8.02 -11.75 -24.93
CA GLU B 40 -7.90 -12.98 -25.69
C GLU B 40 -9.23 -13.74 -25.66
N GLU B 41 -9.51 -14.47 -26.74
CA GLU B 41 -10.72 -15.30 -26.79
C GLU B 41 -10.74 -16.33 -25.67
N GLU B 42 -9.56 -16.76 -25.20
CA GLU B 42 -9.46 -17.77 -24.16
C GLU B 42 -9.97 -17.27 -22.81
N THR B 43 -10.06 -15.96 -22.61
CA THR B 43 -10.64 -15.38 -21.40
C THR B 43 -12.04 -14.89 -21.71
N GLU B 44 -13.01 -15.26 -20.86
CA GLU B 44 -14.36 -14.78 -21.07
C GLU B 44 -14.54 -13.41 -20.42
N PHE B 45 -15.51 -12.67 -20.95
CA PHE B 45 -15.67 -11.26 -20.56
C PHE B 45 -15.95 -11.11 -19.08
N ASP B 46 -16.71 -12.04 -18.49
CA ASP B 46 -17.14 -11.94 -17.10
C ASP B 46 -16.34 -12.84 -16.15
N ASP B 47 -15.18 -13.35 -16.58
CA ASP B 47 -14.35 -14.12 -15.68
C ASP B 47 -13.91 -13.26 -14.50
N GLN B 48 -13.98 -13.82 -13.30
CA GLN B 48 -13.59 -13.13 -12.08
C GLN B 48 -12.26 -13.71 -11.59
N PHE B 49 -11.22 -12.88 -11.59
CA PHE B 49 -9.88 -13.30 -11.22
C PHE B 49 -9.47 -12.75 -9.87
N CYS B 50 -8.41 -13.34 -9.35
CA CYS B 50 -7.69 -12.81 -8.21
CA CYS B 50 -7.69 -12.85 -8.18
C CYS B 50 -6.21 -12.92 -8.50
N ILE B 51 -5.42 -12.14 -7.75
CA ILE B 51 -3.97 -12.24 -7.75
C ILE B 51 -3.58 -12.80 -6.40
N ALA B 52 -2.80 -13.88 -6.41
CA ALA B 52 -2.23 -14.43 -5.19
C ALA B 52 -0.73 -14.20 -5.17
N ASP B 53 -0.22 -13.75 -4.02
CA ASP B 53 1.22 -13.72 -3.77
C ASP B 53 1.59 -15.04 -3.12
N ILE B 54 2.35 -15.88 -3.83
CA ILE B 54 2.66 -17.22 -3.40
C ILE B 54 4.12 -17.23 -2.97
N GLN B 55 4.38 -17.63 -1.73
CA GLN B 55 5.76 -17.72 -1.26
C GLN B 55 6.56 -18.77 -2.04
N LEU B 56 7.80 -18.44 -2.38
CA LEU B 56 8.70 -19.44 -2.98
C LEU B 56 8.88 -20.61 -2.04
N VAL B 57 8.83 -21.83 -2.60
CA VAL B 57 8.97 -23.02 -1.76
C VAL B 57 10.39 -23.11 -1.24
N ASP B 58 10.54 -23.59 0.00
CA ASP B 58 11.84 -23.58 0.68
C ASP B 58 12.77 -24.64 0.08
N SER C 1 11.36 -22.00 41.85
CA SER C 1 10.82 -20.86 41.12
C SER C 1 11.46 -20.72 39.74
N SER C 2 10.63 -20.56 38.72
CA SER C 2 11.09 -20.55 37.34
C SER C 2 11.43 -19.13 36.89
N THR C 3 12.25 -19.04 35.85
CA THR C 3 12.73 -17.78 35.30
C THR C 3 12.40 -17.71 33.81
N SER C 4 12.29 -16.49 33.30
CA SER C 4 12.02 -16.26 31.90
C SER C 4 12.38 -14.82 31.57
N LEU C 5 12.25 -14.46 30.29
CA LEU C 5 12.44 -13.10 29.82
C LEU C 5 11.12 -12.34 29.67
N LEU C 6 10.06 -12.81 30.34
CA LEU C 6 8.72 -12.31 30.07
C LEU C 6 8.63 -10.79 30.18
N PHE C 7 9.26 -10.21 31.21
CA PHE C 7 9.15 -8.77 31.45
C PHE C 7 10.40 -8.00 31.05
N GLU C 8 11.20 -8.51 30.12
CA GLU C 8 12.47 -7.86 29.81
C GLU C 8 12.24 -6.41 29.38
N GLN C 9 13.10 -5.52 29.87
CA GLN C 9 13.12 -4.10 29.56
C GLN C 9 11.89 -3.35 30.07
N LEU C 10 11.15 -3.90 31.03
CA LEU C 10 9.96 -3.25 31.56
C LEU C 10 10.19 -2.79 33.00
N ASN C 11 9.68 -1.61 33.32
CA ASN C 11 9.81 -1.05 34.67
C ASN C 11 8.47 -1.09 35.37
N PHE C 12 8.48 -1.51 36.62
CA PHE C 12 7.28 -1.67 37.44
C PHE C 12 7.37 -0.79 38.68
N LEU C 13 6.23 -0.24 39.08
CA LEU C 13 6.08 0.46 40.35
C LEU C 13 4.95 -0.21 41.11
N ILE C 14 5.25 -0.74 42.29
CA ILE C 14 4.26 -1.37 43.16
C ILE C 14 3.89 -0.38 44.26
N LEU C 15 2.60 -0.06 44.35
CA LEU C 15 2.09 0.79 45.41
C LEU C 15 1.50 -0.09 46.50
N VAL C 16 2.00 0.10 47.73
CA VAL C 16 1.55 -0.64 48.90
C VAL C 16 0.61 0.27 49.67
N ALA C 17 -0.64 -0.17 49.85
CA ALA C 17 -1.66 0.69 50.42
C ALA C 17 -1.73 0.56 51.94
N ALA C 18 -1.40 -0.61 52.47
CA ALA C 18 -1.37 -0.82 53.91
C ALA C 18 -0.26 -1.81 54.24
N GLU C 19 0.16 -1.82 55.51
CA GLU C 19 1.26 -2.70 55.90
C GLU C 19 0.98 -4.14 55.55
N ALA C 20 -0.27 -4.58 55.73
CA ALA C 20 -0.63 -5.97 55.42
C ALA C 20 -0.35 -6.32 53.96
N GLU C 21 -0.25 -5.33 53.09
CA GLU C 21 0.02 -5.57 51.68
C GLU C 21 1.51 -5.71 51.37
N LEU C 22 2.39 -5.43 52.33
CA LEU C 22 3.82 -5.53 52.05
C LEU C 22 4.26 -6.94 51.67
N PRO C 23 3.86 -8.02 52.37
CA PRO C 23 4.24 -9.36 51.90
C PRO C 23 3.84 -9.65 50.46
N ILE C 24 2.65 -9.21 50.04
CA ILE C 24 2.22 -9.41 48.66
C ILE C 24 3.13 -8.63 47.72
N ALA C 25 3.47 -7.39 48.08
CA ALA C 25 4.37 -6.59 47.25
C ALA C 25 5.73 -7.27 47.09
N HIS C 26 6.26 -7.84 48.18
CA HIS C 26 7.54 -8.53 48.07
C HIS C 26 7.42 -9.78 47.22
N SER C 27 6.34 -10.54 47.38
CA SER C 27 6.10 -11.68 46.50
C SER C 27 6.02 -11.26 45.05
N THR C 28 5.31 -10.16 44.77
CA THR C 28 5.16 -9.70 43.38
C THR C 28 6.50 -9.24 42.81
N ARG C 29 7.31 -8.53 43.61
CA ARG C 29 8.62 -8.12 43.13
C ARG C 29 9.46 -9.34 42.76
N LYS C 30 9.43 -10.39 43.58
CA LYS C 30 10.19 -11.60 43.25
C LYS C 30 9.73 -12.20 41.92
N LEU C 31 8.41 -12.21 41.66
CA LEU C 31 7.90 -12.67 40.37
C LEU C 31 8.44 -11.83 39.23
N LEU C 32 8.44 -10.51 39.41
CA LEU C 32 8.91 -9.61 38.37
C LEU C 32 10.39 -9.80 38.08
N MET C 33 11.19 -9.88 39.15
CA MET C 33 12.64 -10.02 38.96
CA MET C 33 12.64 -10.02 38.98
C MET C 33 13.01 -11.39 38.43
N ASP C 34 12.35 -12.45 38.93
CA ASP C 34 12.64 -13.78 38.42
C ASP C 34 12.33 -13.90 36.94
N ASN C 35 11.39 -13.09 36.45
CA ASN C 35 11.02 -13.08 35.04
C ASN C 35 11.56 -11.86 34.32
N SER C 36 12.71 -11.36 34.77
CA SER C 36 13.61 -10.49 34.00
C SER C 36 13.10 -9.07 33.84
N CYS C 37 12.34 -8.53 34.79
CA CYS C 37 11.97 -7.13 34.68
C CYS C 37 13.24 -6.27 34.77
N ASN C 38 13.17 -5.08 34.19
CA ASN C 38 14.35 -4.20 34.22
C ASN C 38 14.51 -3.53 35.58
N ASN C 39 13.42 -3.00 36.12
CA ASN C 39 13.46 -2.35 37.41
C ASN C 39 12.11 -2.56 38.10
N CYS C 40 12.15 -2.70 39.42
CA CYS C 40 10.93 -2.77 40.21
C CYS C 40 11.11 -1.86 41.42
N GLN C 41 10.28 -0.82 41.51
CA GLN C 41 10.24 0.08 42.65
C GLN C 41 9.04 -0.27 43.52
N ILE C 42 9.22 -0.19 44.84
CA ILE C 42 8.13 -0.37 45.79
C ILE C 42 7.95 0.93 46.55
N TYR C 43 6.73 1.44 46.57
CA TYR C 43 6.40 2.69 47.26
C TYR C 43 5.27 2.43 48.26
N GLU C 44 5.54 2.75 49.53
CA GLU C 44 4.57 2.52 50.60
C GLU C 44 3.72 3.78 50.78
N LEU C 45 2.46 3.71 50.34
CA LEU C 45 1.54 4.84 50.47
C LEU C 45 1.43 5.30 51.92
N TYR C 46 1.46 4.36 52.86
CA TYR C 46 1.06 4.63 54.24
C TYR C 46 2.13 5.26 55.11
N ASN C 47 3.37 5.39 54.65
CA ASN C 47 4.34 6.08 55.50
C ASN C 47 5.04 7.21 54.76
N GLU C 48 4.32 7.83 53.83
CA GLU C 48 4.71 9.12 53.26
C GLU C 48 3.51 10.04 53.43
N ASN C 49 3.70 11.17 54.10
CA ASN C 49 2.59 12.07 54.40
C ASN C 49 2.27 12.88 53.15
N LEU C 50 1.41 12.33 52.30
CA LEU C 50 0.91 13.08 51.16
C LEU C 50 -0.19 14.03 51.65
N LYS C 51 -1.09 14.46 50.75
CA LYS C 51 -2.19 15.37 51.07
C LYS C 51 -1.70 16.80 51.36
N ASP C 52 -0.47 16.93 51.85
CA ASP C 52 0.18 18.23 51.93
C ASP C 52 1.01 18.54 50.69
N VAL C 53 1.36 17.52 49.91
CA VAL C 53 2.21 17.67 48.73
C VAL C 53 1.36 17.53 47.48
N LYS C 54 1.63 18.37 46.50
CA LYS C 54 0.99 18.27 45.19
C LYS C 54 1.68 17.14 44.43
N THR C 55 1.01 15.99 44.35
CA THR C 55 1.53 14.84 43.62
C THR C 55 1.08 14.92 42.15
N ASP C 56 1.68 15.88 41.44
CA ASP C 56 1.38 16.10 40.03
C ASP C 56 2.38 15.35 39.15
N LYS C 57 2.32 15.59 37.84
CA LYS C 57 3.17 14.86 36.90
C LYS C 57 4.65 15.13 37.17
N ASP C 58 5.01 16.38 37.48
CA ASP C 58 6.40 16.68 37.78
C ASP C 58 6.86 15.91 39.02
N TRP C 59 6.01 15.83 40.04
CA TRP C 59 6.36 15.07 41.24
C TRP C 59 6.55 13.59 40.92
N PHE C 60 5.66 13.02 40.11
CA PHE C 60 5.75 11.61 39.76
C PHE C 60 6.98 11.31 38.93
N MET C 61 7.23 12.14 37.90
CA MET C 61 8.40 11.92 37.05
C MET C 61 9.68 12.08 37.86
N ASN C 62 9.72 13.06 38.77
CA ASN C 62 10.92 13.28 39.58
C ASN C 62 11.13 12.15 40.59
N LYS C 63 10.06 11.60 41.12
CA LYS C 63 10.23 10.58 42.16
C LYS C 63 10.52 9.20 41.58
N PHE C 64 9.88 8.85 40.46
CA PHE C 64 9.98 7.49 39.95
C PHE C 64 10.69 7.38 38.61
N GLY C 65 11.04 8.49 37.97
CA GLY C 65 11.83 8.44 36.77
C GLY C 65 13.33 8.36 37.08
N PRO C 66 14.17 8.76 36.11
CA PRO C 66 13.79 9.39 34.84
C PRO C 66 13.28 8.43 33.77
N GLN C 67 13.53 7.13 33.90
CA GLN C 67 12.98 6.19 32.93
C GLN C 67 11.46 6.12 33.10
N THR C 68 10.79 5.65 32.06
CA THR C 68 9.34 5.51 32.20
C THR C 68 9.02 4.35 33.15
N VAL C 69 7.78 4.34 33.61
CA VAL C 69 7.20 3.24 34.35
C VAL C 69 6.17 2.59 33.43
N HIS C 70 6.34 1.30 33.17
CA HIS C 70 5.45 0.64 32.22
C HIS C 70 4.14 0.18 32.86
N PHE C 71 4.16 -0.18 34.14
CA PHE C 71 2.98 -0.67 34.85
C PHE C 71 3.04 -0.19 36.28
N VAL C 72 1.91 0.29 36.79
CA VAL C 72 1.73 0.50 38.24
C VAL C 72 0.91 -0.67 38.76
N ILE C 73 1.46 -1.38 39.74
CA ILE C 73 0.78 -2.50 40.38
C ILE C 73 0.10 -1.98 41.64
N SER C 74 -1.23 -2.06 41.68
CA SER C 74 -1.98 -1.58 42.83
C SER C 74 -3.32 -2.28 42.85
N ASN C 75 -3.78 -2.67 44.04
CA ASN C 75 -5.11 -3.24 44.13
C ASN C 75 -6.19 -2.16 44.30
N THR C 76 -5.81 -0.88 44.25
CA THR C 76 -6.76 0.21 44.43
C THR C 76 -6.36 1.39 43.54
N ILE C 77 -7.36 2.20 43.15
CA ILE C 77 -7.08 3.48 42.50
C ILE C 77 -7.04 4.64 43.50
N ASN C 78 -7.22 4.36 44.79
CA ASN C 78 -7.27 5.41 45.81
C ASN C 78 -5.84 5.81 46.21
N PHE C 79 -5.17 6.48 45.28
CA PHE C 79 -3.93 7.17 45.56
C PHE C 79 -3.94 8.49 44.79
N PRO C 80 -3.32 9.54 45.33
CA PRO C 80 -3.56 10.90 44.81
C PRO C 80 -2.91 11.19 43.47
N PHE C 81 -2.15 10.27 42.90
CA PHE C 81 -1.62 10.49 41.55
C PHE C 81 -2.17 9.48 40.55
N TYR C 82 -3.28 8.81 40.88
CA TYR C 82 -3.90 7.87 39.93
C TYR C 82 -4.25 8.56 38.63
N LYS C 83 -4.89 9.74 38.72
CA LYS C 83 -5.34 10.38 37.48
C LYS C 83 -4.17 10.80 36.61
N ILE C 84 -3.09 11.29 37.24
CA ILE C 84 -1.87 11.65 36.53
C ILE C 84 -1.30 10.44 35.80
N VAL C 85 -1.17 9.33 36.52
CA VAL C 85 -0.59 8.10 35.95
C VAL C 85 -1.48 7.57 34.83
N TYR C 86 -2.77 7.44 35.09
CA TYR C 86 -3.64 6.69 34.20
C TYR C 86 -4.19 7.53 33.04
N PHE C 87 -4.63 8.77 33.28
CA PHE C 87 -5.24 9.55 32.21
C PHE C 87 -4.26 10.45 31.47
N ASP C 88 -3.15 10.84 32.10
CA ASP C 88 -2.19 11.71 31.45
C ASP C 88 -1.05 10.88 30.87
N LEU C 89 -0.26 10.23 31.73
CA LEU C 89 0.88 9.46 31.24
C LEU C 89 0.47 8.19 30.50
N LEU C 90 -0.79 7.76 30.63
CA LEU C 90 -1.34 6.58 29.97
C LEU C 90 -0.64 5.29 30.42
N ILE C 91 -0.28 5.24 31.71
CA ILE C 91 0.34 4.06 32.28
C ILE C 91 -0.76 3.16 32.86
N PRO C 92 -0.77 1.87 32.53
CA PRO C 92 -1.80 0.98 33.09
C PRO C 92 -1.64 0.80 34.59
N VAL C 93 -2.76 0.68 35.28
CA VAL C 93 -2.80 0.37 36.72
C VAL C 93 -3.52 -0.97 36.87
N VAL C 94 -2.81 -1.98 37.37
CA VAL C 94 -3.35 -3.33 37.40
C VAL C 94 -3.13 -3.96 38.77
N SER C 95 -4.07 -4.83 39.16
CA SER C 95 -3.93 -5.58 40.40
C SER C 95 -2.71 -6.50 40.35
N HIS C 96 -2.28 -6.96 41.54
CA HIS C 96 -1.20 -7.94 41.63
C HIS C 96 -1.49 -9.20 40.81
N THR C 97 -2.77 -9.56 40.68
CA THR C 97 -3.10 -10.79 39.96
CA THR C 97 -3.13 -10.78 39.94
C THR C 97 -2.66 -10.71 38.50
N TRP C 98 -2.57 -9.52 37.92
CA TRP C 98 -2.09 -9.40 36.55
C TRP C 98 -0.69 -9.98 36.40
N VAL C 99 0.21 -9.68 37.35
CA VAL C 99 1.56 -10.26 37.29
C VAL C 99 1.49 -11.78 37.44
N GLN C 100 0.76 -12.24 38.47
CA GLN C 100 0.66 -13.66 38.75
C GLN C 100 0.12 -14.42 37.54
N ASP C 101 -0.98 -13.93 36.97
CA ASP C 101 -1.62 -14.60 35.84
C ASP C 101 -0.76 -14.52 34.57
N SER C 102 -0.11 -13.38 34.35
CA SER C 102 0.74 -13.24 33.18
C SER C 102 1.92 -14.22 33.24
N VAL C 103 2.50 -14.42 34.42
CA VAL C 103 3.59 -15.39 34.52
C VAL C 103 3.06 -16.79 34.29
N LYS C 104 1.91 -17.12 34.88
CA LYS C 104 1.35 -18.47 34.75
C LYS C 104 1.06 -18.80 33.29
N THR C 105 0.52 -17.83 32.54
CA THR C 105 0.17 -18.05 31.15
C THR C 105 1.30 -17.71 30.19
N LYS C 106 2.41 -17.19 30.70
CA LYS C 106 3.56 -16.80 29.86
C LYS C 106 3.15 -15.83 28.76
N ARG C 107 2.32 -14.85 29.11
CA ARG C 107 1.84 -13.84 28.17
C ARG C 107 1.71 -12.51 28.91
N HIS C 108 1.82 -11.41 28.17
CA HIS C 108 1.38 -10.12 28.67
C HIS C 108 -0.13 -10.07 28.49
N LEU C 109 -0.86 -10.41 29.55
CA LEU C 109 -2.32 -10.40 29.47
C LEU C 109 -2.84 -8.97 29.28
N ARG C 110 -3.98 -8.85 28.60
CA ARG C 110 -4.65 -7.56 28.51
C ARG C 110 -4.89 -6.97 29.89
N THR C 111 -4.55 -5.69 30.04
CA THR C 111 -4.60 -5.06 31.36
C THR C 111 -6.02 -4.70 31.79
N ASN C 112 -6.98 -4.60 30.85
CA ASN C 112 -8.30 -4.06 31.16
C ASN C 112 -8.98 -4.85 32.27
N MET C 113 -8.96 -6.18 32.17
CA MET C 113 -9.66 -6.99 33.15
C MET C 113 -9.08 -6.83 34.56
N TYR C 114 -7.87 -6.32 34.68
CA TYR C 114 -7.18 -6.25 35.96
C TYR C 114 -7.18 -4.85 36.56
N SER C 115 -7.85 -3.89 35.93
CA SER C 115 -7.92 -2.54 36.46
C SER C 115 -8.75 -2.54 37.74
N PRO C 116 -8.29 -1.89 38.81
CA PRO C 116 -9.09 -1.79 40.04
C PRO C 116 -10.06 -0.63 40.07
N ASN C 117 -10.27 0.04 38.94
CA ASN C 117 -11.18 1.17 38.88
C ASN C 117 -12.61 0.66 38.84
N PRO C 118 -13.47 1.03 39.79
CA PRO C 118 -14.86 0.54 39.79
C PRO C 118 -15.67 1.06 38.62
N PHE C 119 -15.28 2.19 38.01
CA PHE C 119 -15.98 2.71 36.84
C PHE C 119 -15.67 1.93 35.57
N HIS C 120 -14.72 1.01 35.60
CA HIS C 120 -14.39 0.27 34.38
C HIS C 120 -15.33 -0.92 34.20
N LEU C 121 -16.61 -0.58 34.07
CA LEU C 121 -17.66 -1.59 33.97
C LEU C 121 -17.55 -2.44 32.72
N LEU C 122 -16.92 -1.95 31.65
CA LEU C 122 -16.82 -2.70 30.41
C LEU C 122 -15.44 -3.35 30.22
N ARG C 123 -14.75 -3.62 31.34
CA ARG C 123 -13.39 -4.15 31.34
C ARG C 123 -13.27 -5.45 30.54
N ASP C 124 -14.32 -6.27 30.52
CA ASP C 124 -14.22 -7.56 29.86
C ASP C 124 -14.82 -7.54 28.45
N CYS C 125 -14.99 -6.36 27.86
CA CYS C 125 -15.64 -6.25 26.56
C CYS C 125 -14.65 -5.84 25.47
N GLN C 126 -14.91 -6.37 24.28
CA GLN C 126 -14.10 -6.21 23.07
C GLN C 126 -15.10 -5.77 22.01
N VAL C 127 -15.12 -4.48 21.70
CA VAL C 127 -16.30 -3.84 21.12
C VAL C 127 -15.96 -3.30 19.75
N TYR C 128 -16.76 -3.67 18.76
CA TYR C 128 -16.65 -3.19 17.40
C TYR C 128 -17.75 -2.17 17.16
N ILE C 129 -17.39 -0.95 16.75
CA ILE C 129 -18.35 0.10 16.46
C ILE C 129 -18.50 0.20 14.94
N SER C 130 -19.73 0.02 14.45
CA SER C 130 -19.94 -0.08 13.01
C SER C 130 -19.82 1.28 12.33
N LYS C 131 -18.89 1.39 11.36
CA LYS C 131 -18.80 2.63 10.61
C LYS C 131 -19.90 2.79 9.57
N SER C 132 -20.70 1.75 9.30
CA SER C 132 -21.84 1.94 8.43
C SER C 132 -23.10 2.30 9.20
N SER C 133 -22.98 2.52 10.52
CA SER C 133 -24.04 3.09 11.36
C SER C 133 -23.80 4.54 11.76
N PHE C 134 -22.55 4.93 11.99
CA PHE C 134 -22.24 6.18 12.69
C PHE C 134 -21.35 7.07 11.84
N ASN C 135 -21.56 8.38 11.95
CA ASN C 135 -20.67 9.32 11.28
C ASN C 135 -19.40 9.47 12.12
N LYS C 136 -18.47 10.30 11.64
CA LYS C 136 -17.16 10.41 12.29
C LYS C 136 -17.27 10.92 13.73
N CYS C 137 -18.12 11.92 13.99
CA CYS C 137 -18.15 12.45 15.36
CA CYS C 137 -18.18 12.47 15.35
C CYS C 137 -18.84 11.49 16.31
N GLU C 138 -19.90 10.80 15.85
CA GLU C 138 -20.52 9.78 16.68
C GLU C 138 -19.53 8.67 17.03
N TYR C 139 -18.78 8.20 16.03
CA TYR C 139 -17.82 7.12 16.25
C TYR C 139 -16.80 7.51 17.32
N ILE C 140 -16.32 8.75 17.26
CA ILE C 140 -15.28 9.17 18.18
C ILE C 140 -15.86 9.32 19.60
N LEU C 141 -17.09 9.84 19.70
CA LEU C 141 -17.70 9.97 21.02
C LEU C 141 -17.93 8.61 21.67
N TYR C 142 -18.55 7.67 20.93
CA TYR C 142 -18.77 6.34 21.48
C TYR C 142 -17.46 5.64 21.82
N SER C 143 -16.43 5.81 20.97
CA SER C 143 -15.12 5.25 21.28
C SER C 143 -14.58 5.81 22.59
N ASP C 144 -14.64 7.13 22.74
CA ASP C 144 -14.17 7.78 23.96
C ASP C 144 -14.84 7.21 25.21
N LEU C 145 -16.17 7.04 25.18
CA LEU C 145 -16.86 6.61 26.38
C LEU C 145 -16.63 5.13 26.67
N LEU C 146 -16.59 4.32 25.62
CA LEU C 146 -16.20 2.92 25.78
C LEU C 146 -14.83 2.83 26.45
N HIS C 147 -13.89 3.64 25.99
CA HIS C 147 -12.55 3.64 26.59
C HIS C 147 -12.59 4.10 28.06
N LEU C 148 -13.37 5.13 28.37
CA LEU C 148 -13.46 5.59 29.75
C LEU C 148 -14.08 4.52 30.66
N LEU C 149 -14.92 3.65 30.10
CA LEU C 149 -15.53 2.55 30.82
C LEU C 149 -14.65 1.31 30.86
N GLY C 150 -13.40 1.42 30.40
CA GLY C 150 -12.44 0.33 30.52
C GLY C 150 -12.51 -0.72 29.45
N GLY C 151 -13.34 -0.53 28.42
CA GLY C 151 -13.45 -1.51 27.35
C GLY C 151 -12.35 -1.38 26.32
N THR C 152 -12.29 -2.37 25.44
CA THR C 152 -11.33 -2.41 24.33
C THR C 152 -12.08 -2.20 23.03
N LEU C 153 -11.64 -1.20 22.25
CA LEU C 153 -12.14 -0.94 20.92
C LEU C 153 -11.39 -1.81 19.92
N VAL C 154 -12.10 -2.48 19.02
CA VAL C 154 -11.48 -3.26 17.96
C VAL C 154 -12.04 -2.79 16.63
N ASN C 155 -11.18 -2.74 15.60
CA ASN C 155 -11.62 -2.40 14.24
C ASN C 155 -11.64 -3.61 13.33
N TYR C 156 -11.70 -4.81 13.92
CA TYR C 156 -11.82 -6.05 13.17
C TYR C 156 -12.76 -6.96 13.94
N ILE C 157 -13.53 -7.76 13.19
CA ILE C 157 -14.44 -8.76 13.73
C ILE C 157 -13.66 -10.06 13.95
N SER C 158 -13.90 -10.73 15.07
CA SER C 158 -13.26 -12.02 15.35
C SER C 158 -14.15 -12.82 16.28
N ASN C 159 -13.74 -14.06 16.56
CA ASN C 159 -14.49 -14.81 17.56
C ASN C 159 -14.29 -14.25 18.97
N ARG C 160 -13.52 -13.17 19.12
CA ARG C 160 -13.38 -12.51 20.42
C ARG C 160 -14.19 -11.22 20.53
N THR C 161 -14.92 -10.83 19.47
CA THR C 161 -15.76 -9.64 19.54
C THR C 161 -16.96 -9.91 20.47
N THR C 162 -17.06 -9.17 21.58
CA THR C 162 -18.19 -9.39 22.47
C THR C 162 -19.42 -8.59 22.11
N HIS C 163 -19.26 -7.40 21.52
CA HIS C 163 -20.38 -6.53 21.19
C HIS C 163 -20.12 -5.79 19.89
N VAL C 164 -21.15 -5.68 19.07
CA VAL C 164 -21.12 -4.90 17.83
C VAL C 164 -22.14 -3.78 17.99
N ILE C 165 -21.67 -2.53 17.94
CA ILE C 165 -22.54 -1.38 18.12
C ILE C 165 -23.12 -0.98 16.78
N VAL C 166 -24.45 -0.96 16.68
CA VAL C 166 -25.16 -0.51 15.50
C VAL C 166 -26.20 0.52 15.93
N GLN C 167 -26.59 1.37 14.98
CA GLN C 167 -27.61 2.39 15.20
C GLN C 167 -29.02 1.86 14.98
N SER C 168 -29.20 0.92 14.07
CA SER C 168 -30.54 0.50 13.68
C SER C 168 -30.48 -0.82 12.92
N PRO C 169 -31.62 -1.49 12.68
CA PRO C 169 -31.59 -2.72 11.88
C PRO C 169 -31.24 -2.51 10.42
N GLN C 170 -31.13 -1.26 9.95
CA GLN C 170 -30.80 -0.98 8.57
C GLN C 170 -29.32 -1.20 8.25
N ASP C 171 -28.45 -1.28 9.25
CA ASP C 171 -27.02 -1.41 9.00
C ASP C 171 -26.70 -2.72 8.28
N PRO C 172 -26.14 -2.68 7.07
CA PRO C 172 -25.78 -3.94 6.40
C PRO C 172 -24.73 -4.77 7.14
N ILE C 173 -24.03 -4.21 8.13
CA ILE C 173 -23.06 -5.01 8.86
C ILE C 173 -23.75 -6.18 9.57
N ILE C 174 -25.04 -6.04 9.87
CA ILE C 174 -25.71 -7.06 10.67
C ILE C 174 -25.82 -8.35 9.87
N ALA C 175 -26.36 -8.25 8.66
CA ALA C 175 -26.47 -9.43 7.80
C ALA C 175 -25.08 -9.93 7.41
N THR C 176 -24.14 -9.02 7.22
CA THR C 176 -22.80 -9.41 6.79
C THR C 176 -22.12 -10.25 7.85
N VAL C 177 -22.05 -9.74 9.08
CA VAL C 177 -21.43 -10.47 10.18
C VAL C 177 -22.18 -11.77 10.44
N SER C 178 -23.51 -11.76 10.35
CA SER C 178 -24.27 -12.97 10.59
C SER C 178 -24.00 -14.06 9.57
N LYS C 179 -23.52 -13.72 8.38
CA LYS C 179 -23.18 -14.70 7.36
C LYS C 179 -21.74 -15.23 7.48
N LEU C 180 -21.02 -14.87 8.54
CA LEU C 180 -19.67 -15.36 8.79
C LEU C 180 -19.76 -16.78 9.35
N THR C 181 -19.95 -17.73 8.42
CA THR C 181 -20.19 -19.13 8.77
C THR C 181 -19.23 -20.01 7.98
N PHE C 182 -19.18 -21.28 8.37
CA PHE C 182 -18.15 -22.18 7.86
C PHE C 182 -18.72 -23.55 7.51
N GLU C 195 -22.93 -25.57 8.69
CA GLU C 195 -22.59 -24.15 8.79
C GLU C 195 -22.54 -23.68 10.24
N LYS C 196 -21.32 -23.65 10.79
CA LYS C 196 -21.05 -23.22 12.15
C LYS C 196 -20.65 -21.75 12.16
N PRO C 197 -21.25 -20.92 13.01
CA PRO C 197 -20.89 -19.50 13.02
C PRO C 197 -19.52 -19.27 13.67
N LEU C 198 -18.95 -18.10 13.35
CA LEU C 198 -17.71 -17.68 14.00
C LEU C 198 -17.89 -17.64 15.51
N ARG C 199 -18.97 -17.03 15.97
CA ARG C 199 -19.37 -17.00 17.37
C ARG C 199 -20.80 -16.48 17.43
N GLU C 200 -21.36 -16.45 18.64
CA GLU C 200 -22.67 -15.87 18.85
C GLU C 200 -22.54 -14.37 19.00
N TRP C 201 -23.32 -13.63 18.22
CA TRP C 201 -23.19 -12.18 18.10
C TRP C 201 -24.19 -11.46 19.00
N LYS C 202 -23.70 -10.45 19.70
CA LYS C 202 -24.56 -9.51 20.43
C LYS C 202 -24.47 -8.16 19.72
N PHE C 203 -25.54 -7.78 19.03
CA PHE C 203 -25.66 -6.46 18.44
C PHE C 203 -26.42 -5.58 19.41
N VAL C 204 -25.88 -4.40 19.73
CA VAL C 204 -26.54 -3.48 20.67
C VAL C 204 -26.53 -2.07 20.11
N TYR C 205 -27.51 -1.28 20.56
CA TYR C 205 -27.55 0.15 20.28
C TYR C 205 -26.53 0.91 21.16
N PRO C 206 -26.14 2.13 20.77
CA PRO C 206 -25.12 2.85 21.55
C PRO C 206 -25.53 3.12 22.98
N ILE C 207 -26.83 3.07 23.29
CA ILE C 207 -27.28 3.29 24.66
C ILE C 207 -26.78 2.19 25.58
N TRP C 208 -26.34 1.06 25.02
CA TRP C 208 -25.62 0.08 25.84
C TRP C 208 -24.36 0.69 26.46
N ILE C 209 -23.62 1.50 25.70
CA ILE C 209 -22.48 2.23 26.26
C ILE C 209 -22.97 3.34 27.19
N LEU C 210 -23.92 4.14 26.69
CA LEU C 210 -24.32 5.37 27.40
C LEU C 210 -24.91 5.07 28.76
N TYR C 211 -25.68 3.99 28.88
CA TYR C 211 -26.25 3.66 30.19
C TYR C 211 -25.15 3.43 31.21
N HIS C 212 -24.13 2.66 30.83
CA HIS C 212 -23.04 2.40 31.75
C HIS C 212 -22.35 3.68 32.17
N PHE C 213 -22.13 4.59 31.21
CA PHE C 213 -21.46 5.85 31.53
C PHE C 213 -22.32 6.70 32.47
N LYS C 214 -23.61 6.86 32.13
CA LYS C 214 -24.45 7.77 32.89
C LYS C 214 -24.80 7.20 34.26
N MET C 215 -25.05 5.90 34.36
CA MET C 215 -25.54 5.32 35.61
C MET C 215 -24.44 4.70 36.47
N ALA C 216 -23.26 4.44 35.89
CA ALA C 216 -22.11 3.88 36.59
C ALA C 216 -22.44 2.59 37.33
N LYS C 217 -23.28 1.75 36.73
CA LYS C 217 -23.59 0.45 37.29
C LYS C 217 -23.92 -0.50 36.16
N PRO C 218 -23.86 -1.82 36.37
CA PRO C 218 -24.11 -2.77 35.29
C PRO C 218 -25.52 -2.67 34.75
N LEU C 219 -25.63 -2.75 33.43
CA LEU C 219 -26.91 -2.84 32.74
C LEU C 219 -27.52 -4.22 32.96
N LYS C 220 -28.75 -4.27 33.45
CA LYS C 220 -29.42 -5.53 33.73
C LYS C 220 -30.91 -5.43 33.43
N GLY C 221 -31.54 -6.60 33.32
CA GLY C 221 -32.98 -6.66 33.33
C GLY C 221 -33.62 -6.05 32.10
N GLU C 222 -34.76 -5.38 32.31
CA GLU C 222 -35.54 -4.88 31.19
C GLU C 222 -34.81 -3.78 30.42
N LEU C 223 -34.01 -2.97 31.11
CA LEU C 223 -33.27 -1.94 30.40
C LEU C 223 -32.20 -2.56 29.49
N ALA C 224 -31.58 -3.65 29.96
CA ALA C 224 -30.60 -4.34 29.13
C ALA C 224 -31.25 -4.85 27.85
N THR C 225 -32.47 -5.41 27.97
CA THR C 225 -33.18 -5.88 26.79
C THR C 225 -33.46 -4.73 25.83
N LEU C 226 -33.80 -3.55 26.35
CA LEU C 226 -34.10 -2.42 25.49
C LEU C 226 -32.88 -1.95 24.70
N CYS C 227 -31.67 -2.34 25.10
CA CYS C 227 -30.48 -1.92 24.40
C CYS C 227 -30.07 -2.86 23.28
N GLU C 228 -30.68 -4.04 23.17
CA GLU C 228 -30.23 -4.99 22.16
C GLU C 228 -30.93 -4.72 20.83
N LEU C 229 -30.21 -5.00 19.74
CA LEU C 229 -30.78 -4.80 18.42
C LEU C 229 -32.13 -5.48 18.31
N ASP C 230 -33.12 -4.74 17.80
CA ASP C 230 -34.48 -5.25 17.61
C ASP C 230 -34.86 -4.97 16.16
N MET C 231 -34.99 -6.03 15.36
CA MET C 231 -35.23 -5.85 13.93
C MET C 231 -36.56 -5.15 13.65
N GLN C 232 -37.45 -5.06 14.65
CA GLN C 232 -38.71 -4.35 14.48
C GLN C 232 -38.55 -2.84 14.49
N ASP C 233 -37.41 -2.32 14.95
CA ASP C 233 -37.17 -0.87 15.07
C ASP C 233 -36.85 -0.27 13.70
N THR C 234 -37.86 -0.23 12.83
CA THR C 234 -37.67 0.24 11.47
C THR C 234 -37.95 1.72 11.29
N SER C 235 -38.30 2.44 12.35
CA SER C 235 -38.60 3.87 12.27
C SER C 235 -37.76 4.64 13.28
N GLU C 236 -37.50 5.91 12.94
CA GLU C 236 -36.78 6.82 13.82
C GLU C 236 -37.49 6.95 15.17
N GLU C 237 -38.83 6.96 15.14
CA GLU C 237 -39.60 7.16 16.36
C GLU C 237 -39.40 6.02 17.34
N GLN C 238 -39.27 4.79 16.84
CA GLN C 238 -39.02 3.66 17.74
C GLN C 238 -37.65 3.75 18.38
N LEU C 239 -36.67 4.26 17.64
CA LEU C 239 -35.34 4.47 18.21
C LEU C 239 -35.35 5.54 19.29
N PHE C 240 -35.96 6.70 19.00
CA PHE C 240 -36.06 7.75 20.02
C PHE C 240 -36.69 7.21 21.30
N ALA C 241 -37.73 6.38 21.16
CA ALA C 241 -38.45 5.89 22.33
C ALA C 241 -37.57 4.98 23.19
N LYS C 242 -36.72 4.17 22.55
CA LYS C 242 -35.82 3.32 23.33
C LYS C 242 -34.72 4.14 23.99
N TRP C 243 -34.16 5.14 23.28
CA TRP C 243 -33.20 6.04 23.93
C TRP C 243 -33.83 6.74 25.14
N GLU C 244 -35.09 7.18 25.00
CA GLU C 244 -35.75 7.91 26.08
C GLU C 244 -35.94 7.03 27.31
N GLU C 245 -36.32 5.77 27.11
CA GLU C 245 -36.56 4.87 28.24
C GLU C 245 -35.26 4.53 28.97
N VAL C 246 -34.18 4.35 28.24
CA VAL C 246 -32.94 3.83 28.82
C VAL C 246 -32.11 4.94 29.49
N ILE C 247 -31.96 6.09 28.83
CA ILE C 247 -31.10 7.14 29.38
C ILE C 247 -31.82 8.48 29.49
N GLY C 248 -33.14 8.48 29.30
CA GLY C 248 -33.90 9.71 29.40
C GLY C 248 -33.88 10.31 30.80
N ASP C 249 -34.45 11.52 30.89
CA ASP C 249 -34.42 12.29 32.13
C ASP C 249 -34.97 11.52 33.33
N LYS C 250 -35.80 10.50 33.10
CA LYS C 250 -36.29 9.67 34.19
C LYS C 250 -35.21 8.78 34.80
N GLN C 251 -34.07 8.61 34.13
CA GLN C 251 -32.97 7.79 34.62
C GLN C 251 -31.82 8.73 35.00
N THR C 252 -31.92 9.32 36.19
CA THR C 252 -30.91 10.25 36.66
C THR C 252 -29.68 9.44 37.06
N SER C 253 -28.53 10.10 37.12
CA SER C 253 -27.24 9.45 37.34
C SER C 253 -27.18 9.01 38.81
N SER C 254 -27.54 7.75 39.05
CA SER C 254 -27.72 7.26 40.43
C SER C 254 -26.40 7.31 41.21
N SER C 255 -25.33 6.75 40.65
CA SER C 255 -24.04 6.72 41.32
C SER C 255 -22.89 7.11 40.39
N GLN C 256 -23.19 7.75 39.25
CA GLN C 256 -22.12 8.23 38.38
C GLN C 256 -21.30 9.31 39.05
N LEU C 257 -21.94 10.11 39.91
CA LEU C 257 -21.27 11.19 40.60
C LEU C 257 -20.59 10.74 41.88
N THR C 258 -20.92 9.56 42.40
CA THR C 258 -20.16 9.01 43.52
C THR C 258 -18.71 8.77 43.12
N LEU C 259 -18.50 8.14 41.95
CA LEU C 259 -17.17 7.92 41.41
C LEU C 259 -16.56 9.15 40.77
N HIS C 260 -17.37 10.18 40.51
CA HIS C 260 -16.88 11.45 39.93
C HIS C 260 -17.50 12.60 40.71
N PRO C 261 -16.95 12.93 41.89
CA PRO C 261 -17.67 13.80 42.83
C PRO C 261 -17.63 15.28 42.52
N ASN C 262 -16.89 15.75 41.51
CA ASN C 262 -16.85 17.18 41.23
C ASN C 262 -18.09 17.54 40.41
N LYS C 263 -19.17 17.88 41.10
CA LYS C 263 -20.43 18.20 40.44
C LYS C 263 -20.47 19.63 39.90
N THR C 264 -19.45 20.44 40.15
CA THR C 264 -19.37 21.80 39.64
C THR C 264 -18.18 21.96 38.70
N LEU C 265 -17.83 20.86 38.03
CA LEU C 265 -16.69 20.85 37.12
C LEU C 265 -16.79 21.95 36.07
N PHE C 266 -17.99 22.19 35.54
CA PHE C 266 -18.19 23.15 34.47
C PHE C 266 -18.92 24.41 34.96
N LYS C 267 -18.96 24.62 36.28
CA LYS C 267 -19.52 25.85 36.83
C LYS C 267 -18.84 27.06 36.21
N ASN C 268 -19.66 28.05 35.80
CA ASN C 268 -19.24 29.30 35.19
C ASN C 268 -18.71 29.11 33.77
N HIS C 269 -18.94 27.95 33.17
CA HIS C 269 -18.57 27.69 31.79
C HIS C 269 -19.85 27.51 30.97
N HIS C 270 -19.83 28.07 29.76
CA HIS C 270 -20.97 28.04 28.85
C HIS C 270 -20.43 27.65 27.48
N PHE C 271 -20.85 26.49 26.98
CA PHE C 271 -20.30 25.89 25.77
C PHE C 271 -21.21 26.15 24.58
N ALA C 272 -20.61 26.59 23.48
CA ALA C 272 -21.32 26.67 22.20
C ALA C 272 -20.98 25.43 21.38
N ILE C 273 -22.02 24.73 20.92
CA ILE C 273 -21.85 23.45 20.24
C ILE C 273 -21.97 23.67 18.74
N SER C 274 -20.88 23.41 18.02
CA SER C 274 -20.85 23.65 16.59
C SER C 274 -21.84 22.75 15.85
N PRO C 275 -22.47 23.23 14.77
CA PRO C 275 -23.31 22.35 13.96
C PRO C 275 -22.53 21.27 13.21
N ASP C 276 -21.20 21.34 13.15
CA ASP C 276 -20.47 20.29 12.45
C ASP C 276 -20.42 19.01 13.25
N LEU C 277 -20.91 19.01 14.49
CA LEU C 277 -21.19 17.83 15.30
C LEU C 277 -22.61 17.40 15.00
N ASN C 278 -22.78 16.60 13.95
CA ASN C 278 -24.12 16.21 13.53
C ASN C 278 -24.54 14.91 14.23
N PHE C 279 -24.66 15.00 15.55
CA PHE C 279 -25.10 13.88 16.37
C PHE C 279 -26.57 13.56 16.09
N PHE C 280 -26.88 12.26 16.06
CA PHE C 280 -28.25 11.79 16.28
C PHE C 280 -28.86 12.58 17.44
N THR C 281 -30.05 13.15 17.23
CA THR C 281 -30.56 14.12 18.19
C THR C 281 -30.60 13.64 19.65
N PRO C 282 -31.04 12.43 19.97
CA PRO C 282 -30.96 11.99 21.38
C PRO C 282 -29.53 11.91 21.91
N LEU C 283 -28.53 11.78 21.05
CA LEU C 283 -27.14 11.80 21.52
C LEU C 283 -26.72 13.21 21.89
N TYR C 284 -27.17 14.21 21.13
CA TYR C 284 -26.94 15.59 21.52
C TYR C 284 -27.61 15.88 22.86
N TRP C 285 -28.84 15.38 23.07
CA TRP C 285 -29.49 15.56 24.37
C TRP C 285 -28.68 14.92 25.49
N PHE C 286 -28.10 13.74 25.23
CA PHE C 286 -27.21 13.14 26.21
C PHE C 286 -26.04 14.05 26.54
N LEU C 287 -25.37 14.59 25.51
CA LEU C 287 -24.21 15.45 25.74
C LEU C 287 -24.59 16.72 26.48
N LYS C 288 -25.75 17.29 26.14
CA LYS C 288 -26.21 18.49 26.83
C LYS C 288 -26.54 18.22 28.29
N GLY C 289 -27.19 17.08 28.57
CA GLY C 289 -27.48 16.74 29.94
C GLY C 289 -26.22 16.45 30.73
N PHE C 290 -25.24 15.81 30.09
CA PHE C 290 -23.95 15.56 30.73
C PHE C 290 -23.28 16.87 31.16
N ILE C 291 -23.23 17.85 30.27
CA ILE C 291 -22.62 19.14 30.61
C ILE C 291 -23.40 19.84 31.71
N GLU C 292 -24.74 19.87 31.56
CA GLU C 292 -25.54 20.60 32.55
C GLU C 292 -25.54 19.92 33.91
N ASP C 293 -25.38 18.60 33.95
CA ASP C 293 -25.25 17.92 35.23
C ASP C 293 -23.97 18.31 35.97
N LEU C 294 -23.00 18.88 35.27
CA LEU C 294 -21.75 19.34 35.86
C LEU C 294 -21.74 20.86 36.05
N ASP C 295 -22.92 21.49 36.02
CA ASP C 295 -23.15 22.91 36.28
C ASP C 295 -22.70 23.78 35.10
N GLY C 296 -22.53 23.19 33.92
CA GLY C 296 -22.28 23.97 32.73
C GLY C 296 -23.55 24.35 31.98
N LYS C 297 -23.44 25.35 31.11
CA LYS C 297 -24.51 25.76 30.22
C LYS C 297 -24.17 25.36 28.78
N VAL C 298 -25.21 25.22 27.95
CA VAL C 298 -25.05 24.73 26.58
C VAL C 298 -25.90 25.58 25.64
N THR C 299 -25.31 26.01 24.54
CA THR C 299 -26.04 26.68 23.46
C THR C 299 -25.67 26.03 22.15
N PRO C 300 -26.62 25.45 21.41
CA PRO C 300 -26.30 24.88 20.10
C PRO C 300 -26.20 25.97 19.06
N LEU C 301 -25.18 25.88 18.21
CA LEU C 301 -25.03 26.77 17.08
C LEU C 301 -25.62 26.11 15.84
N SER C 302 -26.20 26.94 14.98
CA SER C 302 -26.84 26.49 13.76
C SER C 302 -26.11 27.04 12.54
N PHE C 303 -26.08 26.25 11.46
CA PHE C 303 -25.50 26.71 10.20
C PHE C 303 -26.14 28.01 9.73
N SER C 304 -27.35 28.33 10.17
CA SER C 304 -28.06 29.53 9.74
C SER C 304 -28.01 30.65 10.78
N ASP C 305 -27.23 30.50 11.84
CA ASP C 305 -27.18 31.51 12.89
C ASP C 305 -26.37 32.73 12.47
N ASP C 306 -26.70 33.86 13.08
CA ASP C 306 -25.90 35.08 12.99
C ASP C 306 -25.10 35.16 14.29
N LEU C 307 -23.81 34.84 14.21
CA LEU C 307 -23.03 34.61 15.42
C LEU C 307 -22.88 35.86 16.27
N LYS C 308 -22.87 37.03 15.64
CA LYS C 308 -22.79 38.26 16.43
C LYS C 308 -24.02 38.42 17.31
N SER C 309 -25.20 38.06 16.77
CA SER C 309 -26.42 38.10 17.59
C SER C 309 -26.35 37.07 18.71
N VAL C 310 -25.81 35.89 18.43
CA VAL C 310 -25.76 34.83 19.43
C VAL C 310 -24.82 35.23 20.57
N TYR C 311 -23.61 35.69 20.23
CA TYR C 311 -22.64 36.02 21.26
C TYR C 311 -22.95 37.32 21.98
N GLN C 312 -23.83 38.16 21.42
CA GLN C 312 -24.37 39.27 22.18
C GLN C 312 -25.50 38.81 23.10
N ALA C 313 -26.32 37.87 22.63
CA ALA C 313 -27.40 37.35 23.46
C ALA C 313 -26.87 36.58 24.66
N PHE C 314 -25.80 35.81 24.47
CA PHE C 314 -25.21 34.99 25.52
C PHE C 314 -23.75 35.38 25.67
N PRO C 315 -23.46 36.51 26.32
CA PRO C 315 -22.08 36.99 26.40
C PRO C 315 -21.20 36.19 27.36
N ASP C 316 -21.78 35.28 28.14
CA ASP C 316 -21.00 34.45 29.06
C ASP C 316 -20.45 33.19 28.41
N ILE C 317 -20.78 32.93 27.15
CA ILE C 317 -20.18 31.81 26.43
C ILE C 317 -18.67 31.97 26.45
N ASP C 318 -17.97 30.92 26.87
CA ASP C 318 -16.52 30.99 26.97
C ASP C 318 -15.81 29.80 26.35
N CYS C 319 -16.55 28.85 25.76
CA CYS C 319 -15.96 27.67 25.12
C CYS C 319 -16.71 27.37 23.83
N TYR C 320 -15.96 26.91 22.84
CA TYR C 320 -16.49 26.39 21.59
C TYR C 320 -16.14 24.90 21.50
N ILE C 321 -17.13 24.09 21.15
CA ILE C 321 -16.95 22.65 20.97
C ILE C 321 -17.28 22.33 19.52
N GLY C 322 -16.30 21.78 18.78
CA GLY C 322 -16.52 21.48 17.37
C GLY C 322 -15.69 20.29 16.92
N HIS C 323 -16.05 19.77 15.75
CA HIS C 323 -15.34 18.61 15.23
C HIS C 323 -14.07 18.98 14.47
N SER C 324 -14.15 19.95 13.56
CA SER C 324 -13.08 20.23 12.62
C SER C 324 -12.44 21.58 12.87
N ALA C 325 -11.11 21.63 12.76
CA ALA C 325 -10.38 22.88 12.94
C ALA C 325 -10.66 23.89 11.84
N ASN C 326 -11.17 23.44 10.69
CA ASN C 326 -11.33 24.31 9.52
C ASN C 326 -12.78 24.77 9.31
N SER C 327 -13.63 24.62 10.31
CA SER C 327 -15.02 25.08 10.19
C SER C 327 -15.09 26.60 10.08
N PRO C 328 -15.83 27.15 9.11
CA PRO C 328 -16.01 28.60 9.08
C PRO C 328 -16.78 29.13 10.29
N ILE C 329 -17.60 28.30 10.93
CA ILE C 329 -18.25 28.72 12.17
C ILE C 329 -17.20 29.02 13.24
N LEU C 330 -16.17 28.18 13.33
CA LEU C 330 -15.10 28.42 14.29
C LEU C 330 -14.33 29.69 13.95
N GLU C 331 -14.02 29.89 12.67
CA GLU C 331 -13.27 31.08 12.26
C GLU C 331 -14.03 32.35 12.62
N LYS C 332 -15.33 32.39 12.32
CA LYS C 332 -16.12 33.56 12.69
C LYS C 332 -16.22 33.72 14.20
N THR C 333 -16.32 32.60 14.93
CA THR C 333 -16.37 32.68 16.39
C THR C 333 -15.09 33.29 16.95
N LYS C 334 -13.94 32.78 16.50
CA LYS C 334 -12.66 33.32 16.94
C LYS C 334 -12.53 34.80 16.63
N SER C 335 -13.14 35.25 15.53
CA SER C 335 -13.10 36.66 15.19
C SER C 335 -13.85 37.51 16.21
N ILE C 336 -14.96 36.99 16.72
CA ILE C 336 -15.79 37.72 17.68
C ILE C 336 -15.29 37.54 19.11
N LYS C 337 -14.85 36.32 19.46
CA LYS C 337 -14.36 36.00 20.79
C LYS C 337 -12.95 35.42 20.66
N PRO C 338 -11.92 36.27 20.56
CA PRO C 338 -10.57 35.76 20.33
C PRO C 338 -9.98 34.99 21.51
N GLU C 339 -10.57 35.09 22.69
CA GLU C 339 -10.06 34.41 23.88
C GLU C 339 -10.80 33.12 24.18
N ILE C 340 -11.72 32.71 23.31
CA ILE C 340 -12.59 31.58 23.61
C ILE C 340 -11.79 30.29 23.65
N HIS C 341 -12.16 29.40 24.58
CA HIS C 341 -11.59 28.07 24.56
C HIS C 341 -12.10 27.32 23.34
N VAL C 342 -11.20 26.62 22.65
CA VAL C 342 -11.53 25.91 21.41
C VAL C 342 -11.16 24.45 21.60
N GLY C 343 -12.18 23.59 21.78
CA GLY C 343 -11.96 22.19 22.03
C GLY C 343 -12.91 21.32 21.22
N ASN C 344 -12.73 20.02 21.37
CA ASN C 344 -13.64 19.04 20.78
C ASN C 344 -14.37 18.31 21.91
N VAL C 345 -15.23 17.36 21.52
CA VAL C 345 -16.01 16.64 22.53
C VAL C 345 -15.09 15.78 23.39
N SER C 346 -14.02 15.23 22.81
CA SER C 346 -13.07 14.43 23.58
C SER C 346 -12.48 15.25 24.73
N TRP C 347 -12.27 16.54 24.52
CA TRP C 347 -11.75 17.41 25.57
C TRP C 347 -12.68 17.44 26.78
N LEU C 348 -13.99 17.51 26.56
CA LEU C 348 -14.94 17.50 27.66
C LEU C 348 -14.76 16.26 28.53
N PHE C 349 -14.61 15.10 27.91
CA PHE C 349 -14.52 13.86 28.67
C PHE C 349 -13.15 13.68 29.31
N TYR C 350 -12.10 14.28 28.73
CA TYR C 350 -10.79 14.31 29.38
C TYR C 350 -10.82 15.17 30.64
N MET C 351 -11.48 16.33 30.57
CA MET C 351 -11.66 17.14 31.78
C MET C 351 -12.45 16.37 32.83
N PHE C 352 -13.46 15.62 32.40
CA PHE C 352 -14.25 14.81 33.31
C PHE C 352 -13.39 13.75 33.99
N ALA C 353 -12.52 13.09 33.22
CA ALA C 353 -11.62 12.09 33.81
C ALA C 353 -10.65 12.74 34.80
N LEU C 354 -10.08 13.89 34.44
CA LEU C 354 -9.18 14.59 35.36
C LEU C 354 -9.91 15.27 36.51
N GLN C 355 -11.24 15.41 36.42
CA GLN C 355 -12.04 16.14 37.39
C GLN C 355 -11.54 17.58 37.58
N LYS C 356 -10.99 18.18 36.53
CA LYS C 356 -10.55 19.57 36.62
C LYS C 356 -10.72 20.23 35.26
N PHE C 357 -11.31 21.43 35.25
CA PHE C 357 -11.31 22.20 34.01
C PHE C 357 -9.87 22.53 33.66
N THR C 358 -9.48 22.23 32.43
CA THR C 358 -8.09 22.31 32.02
C THR C 358 -8.04 22.95 30.63
N PRO C 359 -7.35 24.07 30.46
CA PRO C 359 -7.26 24.70 29.12
C PRO C 359 -6.72 23.72 28.09
N VAL C 360 -7.19 23.89 26.84
CA VAL C 360 -6.85 22.92 25.80
C VAL C 360 -5.34 22.88 25.57
N SER C 361 -4.65 24.00 25.75
CA SER C 361 -3.20 24.01 25.52
C SER C 361 -2.45 23.17 26.53
N GLN C 362 -3.06 22.90 27.68
CA GLN C 362 -2.49 22.01 28.69
C GLN C 362 -2.96 20.57 28.52
N CYS C 363 -3.81 20.30 27.54
CA CYS C 363 -4.29 18.96 27.26
C CYS C 363 -3.48 18.35 26.11
N LYS C 364 -4.02 17.33 25.45
CA LYS C 364 -3.27 16.58 24.46
C LYS C 364 -3.66 16.99 23.04
N LEU C 365 -2.86 16.54 22.06
CA LEU C 365 -3.10 16.90 20.67
C LEU C 365 -4.49 16.50 20.20
N ILE C 366 -5.01 15.38 20.72
CA ILE C 366 -6.32 14.86 20.31
C ILE C 366 -7.49 15.61 20.91
N HIS C 367 -7.26 16.66 21.69
CA HIS C 367 -8.35 17.38 22.35
C HIS C 367 -8.70 18.70 21.64
N GLN C 368 -8.06 18.99 20.48
CA GLN C 368 -8.39 20.13 19.64
C GLN C 368 -9.27 19.67 18.49
N PRO C 369 -10.10 20.56 17.94
CA PRO C 369 -10.80 20.23 16.68
C PRO C 369 -9.77 19.74 15.66
N PHE C 370 -10.17 18.74 14.89
CA PHE C 370 -9.20 17.94 14.15
C PHE C 370 -8.73 18.66 12.88
N HIS C 371 -7.43 18.54 12.60
CA HIS C 371 -6.88 19.03 11.36
C HIS C 371 -7.54 18.31 10.19
N ALA C 372 -7.47 18.94 9.02
CA ALA C 372 -7.74 18.21 7.79
C ALA C 372 -6.80 17.00 7.73
N LYS C 373 -7.29 15.92 7.14
CA LYS C 373 -6.50 14.70 7.06
C LYS C 373 -5.20 14.95 6.27
N LEU C 374 -4.08 14.57 6.89
CA LEU C 374 -2.74 14.76 6.33
C LEU C 374 -2.39 13.66 5.34
N PHE C 375 -2.66 12.41 5.72
CA PHE C 375 -2.39 11.23 4.91
C PHE C 375 -3.69 10.60 4.42
N THR C 376 -3.55 9.68 3.45
CA THR C 376 -4.60 8.74 3.09
C THR C 376 -4.30 7.37 3.71
N SER C 377 -5.31 6.49 3.68
CA SER C 377 -5.10 5.12 4.14
C SER C 377 -4.06 4.40 3.30
N LYS C 378 -4.03 4.69 2.00
CA LYS C 378 -3.05 4.03 1.14
C LYS C 378 -1.63 4.40 1.55
N GLU C 379 -1.44 5.59 2.10
CA GLU C 379 -0.14 6.06 2.55
C GLU C 379 0.19 5.67 3.98
N LEU C 380 -0.82 5.40 4.82
CA LEU C 380 -0.63 5.33 6.28
C LEU C 380 -1.57 4.23 6.79
N THR C 381 -1.16 2.99 6.69
CA THR C 381 -1.88 1.89 7.32
C THR C 381 -0.90 1.23 8.28
N VAL C 382 -0.98 1.60 9.56
CA VAL C 382 0.14 1.33 10.47
C VAL C 382 -0.22 0.23 11.45
N ALA C 383 0.72 -0.70 11.62
CA ALA C 383 0.71 -1.62 12.74
C ALA C 383 1.50 -1.00 13.90
N TYR C 384 1.21 -1.47 15.11
CA TYR C 384 1.93 -0.96 16.27
C TYR C 384 2.23 -2.11 17.22
N THR C 385 3.24 -1.91 18.06
CA THR C 385 3.74 -2.97 18.93
C THR C 385 4.47 -2.34 20.11
N ASN C 386 4.43 -3.03 21.25
CA ASN C 386 5.09 -2.65 22.50
C ASN C 386 4.41 -1.48 23.21
N TYR C 387 3.16 -1.19 22.87
CA TYR C 387 2.31 -0.27 23.63
C TYR C 387 1.37 -1.05 24.52
N PHE C 388 1.04 -0.49 25.69
CA PHE C 388 0.15 -1.16 26.62
C PHE C 388 -1.03 -0.28 26.99
N GLY C 389 -2.17 -0.93 27.25
CA GLY C 389 -3.33 -0.25 27.81
C GLY C 389 -3.80 0.93 26.98
N SER C 390 -4.01 2.07 27.65
CA SER C 390 -4.54 3.26 26.99
C SER C 390 -3.60 3.84 25.93
N GLN C 391 -2.32 3.45 25.93
CA GLN C 391 -1.45 3.84 24.81
C GLN C 391 -2.00 3.32 23.50
N ARG C 392 -2.60 2.14 23.50
CA ARG C 392 -3.10 1.59 22.25
C ARG C 392 -4.29 2.40 21.75
N PHE C 393 -5.15 2.85 22.68
CA PHE C 393 -6.28 3.70 22.28
C PHE C 393 -5.78 5.02 21.72
N TYR C 394 -4.74 5.58 22.32
CA TYR C 394 -4.20 6.86 21.87
C TYR C 394 -3.61 6.74 20.48
N ILE C 395 -2.84 5.68 20.21
CA ILE C 395 -2.27 5.53 18.87
C ILE C 395 -3.37 5.32 17.83
N GLN C 396 -4.42 4.57 18.17
CA GLN C 396 -5.54 4.41 17.23
C GLN C 396 -6.15 5.76 16.87
N ARG C 397 -6.36 6.63 17.87
CA ARG C 397 -6.95 7.94 17.65
C ARG C 397 -6.03 8.84 16.85
N LEU C 398 -4.74 8.86 17.22
CA LEU C 398 -3.77 9.68 16.50
C LEU C 398 -3.71 9.30 15.03
N VAL C 399 -3.63 7.98 14.75
CA VAL C 399 -3.54 7.56 13.35
C VAL C 399 -4.80 7.95 12.61
N GLU C 400 -5.95 7.79 13.27
CA GLU C 400 -7.23 8.13 12.64
C GLU C 400 -7.29 9.61 12.23
N ILE C 401 -6.87 10.52 13.13
CA ILE C 401 -6.97 11.94 12.81
C ILE C 401 -5.84 12.42 11.90
N LEU C 402 -4.76 11.64 11.76
CA LEU C 402 -3.79 11.88 10.69
C LEU C 402 -4.31 11.48 9.32
N GLY C 403 -5.38 10.69 9.25
CA GLY C 403 -5.95 10.25 7.98
C GLY C 403 -5.66 8.82 7.64
N GLY C 404 -5.01 8.07 8.53
CA GLY C 404 -4.64 6.69 8.26
C GLY C 404 -5.57 5.67 8.91
N LEU C 405 -5.17 4.42 8.75
CA LEU C 405 -5.76 3.27 9.42
C LEU C 405 -4.70 2.62 10.29
N SER C 406 -5.12 2.09 11.44
CA SER C 406 -4.21 1.36 12.31
C SER C 406 -4.70 -0.08 12.44
N THR C 407 -3.78 -0.98 12.76
CA THR C 407 -4.08 -2.41 12.90
C THR C 407 -3.27 -2.94 14.07
N PRO C 408 -3.89 -3.74 14.95
CA PRO C 408 -3.11 -4.42 15.99
C PRO C 408 -2.30 -5.57 15.46
N GLU C 409 -2.69 -6.11 14.31
CA GLU C 409 -1.97 -7.21 13.68
C GLU C 409 -1.01 -6.66 12.63
N LEU C 410 0.00 -7.45 12.30
CA LEU C 410 0.97 -7.12 11.26
C LEU C 410 0.70 -7.97 10.03
N THR C 411 0.47 -7.31 8.89
CA THR C 411 0.41 -8.01 7.61
C THR C 411 1.20 -7.22 6.58
N ARG C 412 1.33 -7.82 5.38
CA ARG C 412 2.00 -7.14 4.30
C ARG C 412 1.20 -5.97 3.74
N LYS C 413 -0.05 -5.78 4.16
CA LYS C 413 -0.76 -4.56 3.78
C LYS C 413 -0.23 -3.33 4.52
N ASN C 414 0.40 -3.51 5.68
CA ASN C 414 0.84 -2.37 6.47
C ASN C 414 1.94 -1.59 5.76
N THR C 415 1.88 -0.26 5.89
CA THR C 415 2.90 0.63 5.36
C THR C 415 3.97 0.95 6.37
N HIS C 416 3.63 0.89 7.66
CA HIS C 416 4.52 1.25 8.74
C HIS C 416 4.30 0.31 9.91
N LEU C 417 5.35 0.12 10.70
CA LEU C 417 5.25 -0.42 12.06
C LEU C 417 5.71 0.69 13.01
N ILE C 418 4.87 1.04 13.99
CA ILE C 418 5.18 2.06 14.98
C ILE C 418 5.58 1.35 16.26
N THR C 419 6.73 1.72 16.83
CA THR C 419 7.20 1.07 18.04
C THR C 419 8.11 2.03 18.79
N LYS C 420 8.26 1.78 20.08
CA LYS C 420 9.11 2.58 20.93
C LYS C 420 10.36 1.84 21.41
N SER C 421 10.43 0.53 21.15
CA SER C 421 11.52 -0.30 21.61
C SER C 421 11.79 -1.36 20.55
N THR C 422 12.84 -2.17 20.78
CA THR C 422 13.24 -3.18 19.81
C THR C 422 12.81 -4.58 20.19
N ILE C 423 11.97 -4.74 21.21
CA ILE C 423 11.63 -6.08 21.65
C ILE C 423 10.46 -6.60 20.84
N GLY C 424 10.38 -7.92 20.73
CA GLY C 424 9.17 -8.56 20.28
C GLY C 424 9.23 -9.05 18.84
N LYS C 425 8.22 -9.85 18.50
CA LYS C 425 8.20 -10.57 17.23
C LYS C 425 7.95 -9.63 16.06
N LYS C 426 7.08 -8.63 16.24
CA LYS C 426 6.76 -7.75 15.13
C LYS C 426 7.97 -6.93 14.69
N PHE C 427 8.73 -6.41 15.66
CA PHE C 427 9.95 -5.66 15.32
C PHE C 427 10.89 -6.53 14.49
N LYS C 428 11.08 -7.78 14.90
CA LYS C 428 11.98 -8.67 14.18
C LYS C 428 11.48 -8.95 12.76
N VAL C 429 10.18 -9.25 12.61
CA VAL C 429 9.64 -9.49 11.27
C VAL C 429 9.78 -8.26 10.39
N ALA C 430 9.43 -7.09 10.93
CA ALA C 430 9.41 -5.88 10.12
C ALA C 430 10.82 -5.48 9.69
N LYS C 431 11.80 -5.69 10.58
CA LYS C 431 13.19 -5.40 10.23
C LYS C 431 13.64 -6.22 9.03
N LYS C 432 13.33 -7.51 9.02
CA LYS C 432 13.62 -8.33 7.85
C LYS C 432 12.88 -7.85 6.61
N TRP C 433 11.59 -7.51 6.78
CA TRP C 433 10.78 -7.05 5.64
C TRP C 433 11.28 -5.73 5.08
N SER C 434 11.72 -4.82 5.94
CA SER C 434 12.13 -3.50 5.48
C SER C 434 13.31 -3.60 4.52
N LEU C 435 14.05 -4.72 4.55
CA LEU C 435 15.14 -5.03 3.66
C LEU C 435 14.69 -5.67 2.36
N ASP C 436 13.46 -6.16 2.29
CA ASP C 436 12.96 -6.87 1.11
C ASP C 436 12.34 -5.85 0.17
N PRO C 437 12.87 -5.66 -1.04
CA PRO C 437 12.27 -4.65 -1.94
C PRO C 437 10.81 -4.93 -2.26
N GLN C 438 10.39 -6.19 -2.20
CA GLN C 438 9.00 -6.56 -2.44
C GLN C 438 8.07 -6.05 -1.35
N ASN C 439 8.60 -5.73 -0.18
CA ASN C 439 7.74 -5.24 0.89
C ASN C 439 8.16 -3.82 1.29
N ALA C 440 9.28 -3.69 2.02
CA ALA C 440 9.88 -2.40 2.35
C ALA C 440 9.02 -1.58 3.31
N ILE C 441 8.44 -2.24 4.30
CA ILE C 441 7.73 -1.54 5.36
C ILE C 441 8.67 -0.60 6.12
N ILE C 442 8.10 0.48 6.69
CA ILE C 442 8.86 1.50 7.40
C ILE C 442 8.67 1.31 8.90
N VAL C 443 9.76 1.18 9.65
CA VAL C 443 9.72 1.09 11.11
C VAL C 443 10.14 2.43 11.68
N THR C 444 9.30 3.02 12.53
CA THR C 444 9.58 4.33 13.12
C THR C 444 8.88 4.41 14.48
N ASN C 445 9.14 5.47 15.25
CA ASN C 445 8.56 5.56 16.60
C ASN C 445 7.35 6.50 16.61
N HIS C 446 6.67 6.55 17.77
CA HIS C 446 5.40 7.29 17.82
C HIS C 446 5.61 8.79 17.73
N MET C 447 6.81 9.28 18.02
CA MET C 447 7.06 10.72 17.89
C MET C 447 6.94 11.18 16.45
N TRP C 448 7.19 10.29 15.48
CA TRP C 448 6.91 10.63 14.09
C TRP C 448 5.43 10.99 13.90
N LEU C 449 4.52 10.11 14.35
CA LEU C 449 3.09 10.40 14.26
C LEU C 449 2.74 11.72 14.95
N GLU C 450 3.22 11.88 16.19
CA GLU C 450 2.88 13.07 16.97
C GLU C 450 3.40 14.34 16.32
N GLN C 451 4.65 14.33 15.84
CA GLN C 451 5.21 15.54 15.24
C GLN C 451 4.58 15.84 13.90
N CYS C 452 4.24 14.81 13.12
CA CYS C 452 3.51 15.04 11.87
C CYS C 452 2.20 15.78 12.13
N TYR C 453 1.44 15.29 13.10
CA TYR C 453 0.15 15.93 13.39
C TYR C 453 0.34 17.33 13.95
N MET C 454 1.25 17.48 14.92
CA MET C 454 1.43 18.78 15.55
C MET C 454 1.86 19.83 14.54
N ASN C 455 2.76 19.48 13.63
CA ASN C 455 3.23 20.41 12.62
C ASN C 455 2.40 20.40 11.34
N ASN C 456 1.37 19.54 11.26
CA ASN C 456 0.56 19.38 10.04
C ASN C 456 1.45 19.23 8.81
N SER C 457 2.38 18.27 8.88
CA SER C 457 3.38 18.15 7.84
C SER C 457 3.88 16.71 7.77
N LYS C 458 4.07 16.22 6.55
CA LYS C 458 4.58 14.87 6.34
C LYS C 458 6.08 14.85 6.55
N LEU C 459 6.48 14.65 7.80
CA LEU C 459 7.89 14.57 8.16
C LEU C 459 8.49 13.23 7.70
N ASN C 460 9.82 13.18 7.65
CA ASN C 460 10.55 12.00 7.23
C ASN C 460 10.71 11.02 8.39
N PRO C 461 10.05 9.87 8.35
CA PRO C 461 10.12 8.93 9.49
C PRO C 461 11.49 8.32 9.70
N LYS C 462 12.43 8.49 8.77
CA LYS C 462 13.77 7.95 8.92
C LYS C 462 14.75 8.94 9.53
N ASP C 463 14.29 10.12 9.91
CA ASP C 463 15.12 11.01 10.72
C ASP C 463 15.55 10.31 11.99
N SER C 464 16.75 10.68 12.48
CA SER C 464 17.32 9.99 13.63
C SER C 464 16.41 10.08 14.86
N ARG C 465 15.77 11.22 15.07
CA ARG C 465 14.91 11.35 16.24
C ARG C 465 13.70 10.42 16.19
N PHE C 466 13.29 9.99 15.00
CA PHE C 466 12.19 9.05 14.85
C PHE C 466 12.67 7.61 14.72
N GLN C 467 13.99 7.40 14.64
CA GLN C 467 14.57 6.06 14.71
C GLN C 467 15.11 5.74 16.10
N ASN C 468 14.79 6.56 17.09
CA ASN C 468 15.16 6.30 18.48
C ASN C 468 14.19 5.26 19.03
N PHE C 469 14.67 4.05 19.26
CA PHE C 469 13.85 2.98 19.83
C PHE C 469 14.25 2.69 21.27
N LYS C 470 14.70 3.73 21.98
CA LYS C 470 14.99 3.66 23.42
C LYS C 470 14.22 4.75 24.16
N LEU C 471 13.04 5.11 23.65
CA LEU C 471 12.26 6.19 24.23
C LEU C 471 11.86 5.93 25.67
N ASP C 472 11.74 4.66 26.04
CA ASP C 472 11.36 4.32 27.41
C ASP C 472 12.40 4.78 28.42
N ASP C 473 13.59 5.17 27.97
CA ASP C 473 14.61 5.70 28.87
C ASP C 473 14.23 7.03 29.50
N ASN C 474 13.18 7.69 29.01
CA ASN C 474 12.77 9.00 29.49
C ASN C 474 11.24 9.04 29.52
N MET C 475 10.67 9.24 30.71
CA MET C 475 9.22 9.21 30.87
C MET C 475 8.53 10.33 30.09
N GLY C 476 9.23 11.45 29.89
CA GLY C 476 8.68 12.56 29.13
C GLY C 476 8.44 12.24 27.67
N TRP C 477 9.02 11.16 27.17
CA TRP C 477 8.81 10.74 25.79
C TRP C 477 7.64 9.77 25.65
N ASN C 478 6.89 9.52 26.73
CA ASN C 478 5.70 8.69 26.65
C ASN C 478 4.76 9.22 25.57
N ILE C 479 4.17 8.30 24.81
CA ILE C 479 3.22 8.72 23.77
C ILE C 479 2.09 9.49 24.42
N GLY C 480 1.69 10.59 23.79
CA GLY C 480 0.68 11.47 24.34
C GLY C 480 1.20 12.72 25.03
N GLN C 481 2.52 12.79 25.30
CA GLN C 481 3.08 13.96 25.98
C GLN C 481 3.39 15.11 25.02
N ILE C 482 3.76 14.80 23.78
CA ILE C 482 4.13 15.84 22.82
C ILE C 482 2.93 16.72 22.57
N GLY C 483 3.08 18.03 22.80
CA GLY C 483 2.02 18.99 22.55
C GLY C 483 1.39 19.60 23.79
N MET C 484 1.75 19.14 24.98
CA MET C 484 1.15 19.63 26.22
C MET C 484 1.97 20.81 26.76
N ASP C 485 1.29 21.91 27.08
CA ASP C 485 1.91 23.04 27.77
C ASP C 485 1.87 22.82 29.28
N HIS C 486 2.91 23.27 29.96
CA HIS C 486 3.02 23.06 31.40
C HIS C 486 1.92 23.77 32.19
N GLY D 6 -20.22 -0.70 -1.59
CA GLY D 6 -19.02 -1.46 -1.91
C GLY D 6 -17.95 -1.43 -0.83
N SER D 7 -18.34 -1.08 0.40
CA SER D 7 -17.35 -1.03 1.47
C SER D 7 -17.19 -2.40 2.11
N SER D 8 -16.19 -2.51 3.00
CA SER D 8 -15.79 -3.79 3.54
C SER D 8 -15.55 -3.67 5.04
N ILE D 9 -15.49 -4.82 5.71
CA ILE D 9 -15.09 -4.88 7.11
C ILE D 9 -13.93 -5.86 7.23
N ARG D 10 -13.10 -5.66 8.27
CA ARG D 10 -11.97 -6.54 8.56
C ARG D 10 -12.42 -7.71 9.42
N VAL D 11 -12.07 -8.93 9.01
CA VAL D 11 -12.37 -10.13 9.80
C VAL D 11 -11.09 -10.91 10.03
N LYS D 12 -10.80 -11.21 11.30
CA LYS D 12 -9.64 -12.03 11.68
C LYS D 12 -10.09 -13.47 11.86
N LEU D 13 -9.52 -14.40 11.09
CA LEU D 13 -9.88 -15.80 11.26
C LEU D 13 -8.64 -16.66 11.06
N LEU D 14 -8.71 -17.88 11.60
CA LEU D 14 -7.63 -18.84 11.43
C LEU D 14 -7.42 -19.15 9.95
N GLN D 15 -6.15 -19.24 9.56
CA GLN D 15 -5.83 -19.52 8.16
C GLN D 15 -6.52 -20.79 7.68
N GLU D 16 -6.56 -21.82 8.52
CA GLU D 16 -7.21 -23.08 8.14
C GLU D 16 -8.71 -22.92 7.95
N SER D 17 -9.32 -21.88 8.51
CA SER D 17 -10.76 -21.65 8.37
C SER D 17 -11.14 -20.95 7.08
N VAL D 18 -10.16 -20.36 6.38
CA VAL D 18 -10.48 -19.55 5.20
C VAL D 18 -11.18 -20.40 4.14
N VAL D 19 -10.71 -21.63 3.95
CA VAL D 19 -11.28 -22.51 2.94
C VAL D 19 -12.76 -22.77 3.23
N LYS D 20 -13.11 -22.91 4.51
CA LYS D 20 -14.46 -23.27 4.91
C LYS D 20 -15.39 -22.07 5.00
N LEU D 21 -14.87 -20.84 4.84
CA LEU D 21 -15.73 -19.66 4.96
C LEU D 21 -16.79 -19.66 3.86
N ASN D 22 -18.00 -19.21 4.25
CA ASN D 22 -19.17 -19.02 3.40
C ASN D 22 -18.76 -18.44 2.04
N PRO D 23 -18.84 -19.23 0.96
CA PRO D 23 -18.41 -18.72 -0.35
C PRO D 23 -19.31 -17.65 -0.94
N LYS D 24 -20.50 -17.43 -0.37
CA LYS D 24 -21.37 -16.37 -0.85
C LYS D 24 -20.88 -14.98 -0.43
N LEU D 25 -20.02 -14.89 0.58
CA LEU D 25 -19.42 -13.60 0.91
C LEU D 25 -18.40 -13.24 -0.17
N VAL D 26 -18.25 -11.95 -0.43
CA VAL D 26 -17.29 -11.44 -1.41
C VAL D 26 -16.07 -10.96 -0.64
N LYS D 27 -14.92 -11.58 -0.90
CA LYS D 27 -13.66 -11.22 -0.25
C LYS D 27 -12.91 -10.25 -1.15
N HIS D 28 -12.68 -9.04 -0.65
CA HIS D 28 -11.90 -8.07 -1.43
C HIS D 28 -10.43 -8.43 -1.45
N ASN D 29 -9.90 -8.85 -0.30
CA ASN D 29 -8.50 -9.18 -0.08
C ASN D 29 -8.41 -10.15 1.09
N PHE D 30 -7.29 -10.85 1.14
CA PHE D 30 -6.95 -11.70 2.27
C PHE D 30 -5.47 -11.47 2.55
N TYR D 31 -5.08 -11.34 3.82
CA TYR D 31 -3.67 -11.14 4.12
C TYR D 31 -3.23 -12.10 5.20
N ARG D 32 -2.07 -12.72 5.02
CA ARG D 32 -1.49 -13.55 6.07
C ARG D 32 -0.99 -12.68 7.22
N VAL D 33 -1.35 -13.05 8.46
CA VAL D 33 -0.87 -12.36 9.65
C VAL D 33 0.46 -12.96 10.07
N GLU D 34 1.42 -12.11 10.41
CA GLU D 34 2.73 -12.51 10.87
C GLU D 34 2.91 -12.01 12.31
N ALA D 35 3.74 -12.72 13.06
CA ALA D 35 4.16 -12.28 14.39
C ALA D 35 2.97 -12.01 15.31
N ASN D 36 1.97 -12.89 15.26
CA ASN D 36 0.81 -12.76 16.12
C ASN D 36 1.21 -12.98 17.57
N ASP D 37 0.75 -12.09 18.44
CA ASP D 37 1.02 -12.16 19.87
C ASP D 37 -0.27 -12.57 20.57
N SER D 38 -0.25 -13.73 21.21
CA SER D 38 -1.41 -14.17 21.98
C SER D 38 -1.44 -13.42 23.32
N GLU D 39 -2.50 -12.64 23.55
CA GLU D 39 -2.69 -11.96 24.82
C GLU D 39 -3.84 -12.54 25.63
N GLU D 40 -4.36 -13.70 25.22
CA GLU D 40 -5.37 -14.43 25.97
C GLU D 40 -5.04 -15.91 25.86
N GLU D 41 -5.30 -16.67 26.93
CA GLU D 41 -4.96 -18.08 26.83
C GLU D 41 -5.95 -18.86 25.95
N GLU D 42 -7.02 -18.24 25.48
CA GLU D 42 -7.87 -18.87 24.47
C GLU D 42 -7.21 -18.92 23.10
N THR D 43 -6.13 -18.18 22.89
CA THR D 43 -5.37 -18.23 21.64
C THR D 43 -4.09 -19.03 21.88
N GLU D 44 -3.84 -20.00 21.02
CA GLU D 44 -2.59 -20.75 21.09
C GLU D 44 -1.44 -19.89 20.58
N PHE D 45 -0.27 -20.09 21.18
CA PHE D 45 0.90 -19.28 20.83
C PHE D 45 1.22 -19.35 19.34
N ASP D 46 0.95 -20.48 18.69
CA ASP D 46 1.35 -20.70 17.30
C ASP D 46 0.18 -20.76 16.33
N ASP D 47 -0.99 -20.24 16.72
CA ASP D 47 -2.09 -20.16 15.78
C ASP D 47 -1.73 -19.23 14.63
N GLN D 48 -2.08 -19.64 13.42
CA GLN D 48 -1.80 -18.88 12.21
C GLN D 48 -3.08 -18.21 11.73
N PHE D 49 -3.10 -16.88 11.73
CA PHE D 49 -4.29 -16.13 11.36
C PHE D 49 -4.14 -15.45 10.00
N CYS D 50 -5.28 -15.01 9.49
CA CYS D 50 -5.30 -14.10 8.35
CA CYS D 50 -5.35 -14.14 8.31
C CYS D 50 -6.35 -13.03 8.60
N ILE D 51 -6.24 -11.93 7.85
CA ILE D 51 -7.24 -10.88 7.86
C ILE D 51 -7.91 -10.88 6.50
N ALA D 52 -9.25 -10.93 6.51
CA ALA D 52 -10.02 -10.83 5.28
C ALA D 52 -10.80 -9.52 5.27
N ASP D 53 -10.81 -8.84 4.12
CA ASP D 53 -11.68 -7.70 3.91
C ASP D 53 -12.95 -8.25 3.25
N ILE D 54 -14.06 -8.22 3.96
CA ILE D 54 -15.31 -8.83 3.52
C ILE D 54 -16.24 -7.70 3.10
N GLN D 55 -16.73 -7.75 1.86
CA GLN D 55 -17.66 -6.74 1.39
C GLN D 55 -18.99 -6.83 2.13
N LEU D 56 -19.52 -5.68 2.53
CA LEU D 56 -20.87 -5.64 3.09
C LEU D 56 -21.89 -6.18 2.09
N VAL D 57 -22.87 -6.94 2.60
CA VAL D 57 -23.91 -7.47 1.72
C VAL D 57 -24.71 -6.31 1.09
N ASP D 58 -25.30 -6.58 -0.06
CA ASP D 58 -26.14 -5.59 -0.75
C ASP D 58 -27.53 -5.49 -0.14
#